data_7V9M
#
_entry.id   7V9M
#
_cell.length_a   1.00
_cell.length_b   1.00
_cell.length_c   1.00
_cell.angle_alpha   90.00
_cell.angle_beta   90.00
_cell.angle_gamma   90.00
#
_symmetry.space_group_name_H-M   'P 1'
#
loop_
_entity.id
_entity.type
_entity.pdbx_description
1 polymer 'Guanine nucleotide-binding protein G(s) subunit alpha isoforms short'
2 polymer 'Guanine nucleotide-binding protein G(I)/G(S)/G(T) subunit beta-1'
3 polymer Nanobody-35
4 polymer Somatoliberin
5 polymer 'human growth hormone releasing hormone receptor splice variant 1(SV1)'
6 polymer 'Guanine nucleotide-binding protein G(I)/G(S)/G(O) subunit gamma-2'
#
loop_
_entity_poly.entity_id
_entity_poly.type
_entity_poly.pdbx_seq_one_letter_code
_entity_poly.pdbx_strand_id
1 'polypeptide(L)'
;MGCLGNSKTEDQRNEEKAQREANKKIEKQLQKDKQVYRATHRLLLLGAGESGKNTIVKQMRILHVNGFNGEGGEEDPQAA
RSNSDGEKATKVQDIKNNLKEAIETIVAAMSNLVPPVELANPENQFRVDYILSVMNVPDFDFPPEFYEHAKALWEDEGVR
ACYERSNEYQLIDCAQYFLDKIDVIKQADYVPSDQDLLRCRVLTSGIFETKFQVDKVNFHMFDVGAQRDERRKWIQCFND
VTAIIFVVASSSYNMVIREDNQTNRLQAALKLFDSIWNNKWLRDTSVILFLNKQDLLAEKVLAGKSKIEDYFPEFARYTT
PEDATPEPGEDPRVTRAKYFIRDEFLRISTASGDGRHYCYPHFTCAVDTENIRRVFNDCRDIIQRMHLRQYELL
;
A
2 'polypeptide(L)'
;MGSLLQSELDQLRQEAEQLKNQIRDARKACADATLSQITNNIDPVGRIQMRTRRTLRGHLAKIYAMHWGTDSRLLVSASQ
DGKLIIWDSYTTNKVHAIPLRSSWVMTCAYAPSGNYVACGGLDNICSIYNLKTREGNVRVSRELAGHTGYLSCCRFLDDN
QIVTSSGDTTCALWDIETGQQTTTFTGHTGDVMSLSLAPDTRLFVSGACDASAKLWDVREGMCRQTFTGHESDINAICFF
PNGNAFATGSDDATCRLFDLRADQELMTYSHDNIICGITSVSFSKSGRLLLAGYDDFNCNVWDALKADRAGVLAGHDNRV
SCLGVTDDGMAVATGSWDSFLKIWNGSSGGGGSGGGGSSGVSGWRLFKKIS
;
B
3 'polypeptide(L)'
;MAQVQLQESGGGLVQPGGSLRLSCAASGFTFSNYKMNWVRQAPGKGLEWVSDISQSGASISYTGSVKGRFTISRDNAKNT
LYLQMNSLKPEDTAVYYCARCPAPFTRDCFDVTSTTYAYRGQGTQVTVSSHHHHHHEPEA
;
N
4 'polypeptide(L)' YADAIFTNSYRKVLGQLSARKLLQDIMSRQQGESNQERGARARL P
5 'polypeptide(L)'
;MVPGTPSPLLGRGKELWLESLACLPGAVKRDCTITGWSEPFPPYPVACPVPLELLAEEESYFSTVKIIYTVGHSISIVAL
FVAITILVALRRLHCPRNYVHTQLFTTFILKAGAVFLKDAALFHSDDTDHCSFSTVLCKVSVAASHFATMTNFSWLLAEA
VYLNCLLASTSPSSRRAFWWLVLAGWGLPVLFTGTWVSCKLAFEDIACWDLDDTSPYWWIIKGPIVLSVGVNFGLFLNII
RILVRKLEPAQGSLHTQSQYWRLSKSTLFLIPLFGIHYIIFNFLPDNAGLGIRLPLELGLGSFQGFIVAILYCFLNQEVR
TEISRKWHGHDPELLPAWRTRGSSGGGGSGGGGSSGVFTLEDFVGDWEQTAAYNLDQVLEQGGVSSLLQNLAVSVTPIQR
IVRSGENALKIDIHVIIPYEGLSADQMAQIEEVFKVVYPVDDHHFKVILPYGTLVIDGVTPNMLNYFGRPYEGIAVFDGK
KITVTGTLWNGNKIIDERLITPDGSMLFRVTINSGGSENLYFQ
;
R
6 'polypeptide(L)' MASNNTASIAQARKLVEQLKMEANIDRIKVSKAAADLMAYCEAHAKEDPLLTPVPASENPFREKKFFCAIL Y
#
# COMPACT_ATOMS: atom_id res chain seq x y z
N GLU A 10 46.62 2.33 9.41
CA GLU A 10 45.75 3.46 9.67
C GLU A 10 44.32 2.98 9.93
N ASP A 11 43.53 3.80 10.61
CA ASP A 11 42.31 3.36 11.28
C ASP A 11 41.11 3.16 10.35
N GLN A 12 41.19 3.58 9.09
CA GLN A 12 40.03 3.47 8.20
C GLN A 12 39.63 2.02 7.99
N ARG A 13 40.60 1.13 7.83
CA ARG A 13 40.29 -0.29 7.66
C ARG A 13 39.69 -0.89 8.93
N ASN A 14 40.23 -0.54 10.10
CA ASN A 14 39.66 -1.02 11.35
C ASN A 14 38.22 -0.55 11.51
N GLU A 15 37.96 0.72 11.22
CA GLU A 15 36.60 1.25 11.31
C GLU A 15 35.67 0.54 10.35
N GLU A 16 36.09 0.38 9.09
CA GLU A 16 35.27 -0.33 8.11
C GLU A 16 34.95 -1.75 8.57
N LYS A 17 35.96 -2.46 9.09
CA LYS A 17 35.72 -3.83 9.56
C LYS A 17 34.74 -3.86 10.73
N ALA A 18 34.90 -2.96 11.70
CA ALA A 18 33.98 -2.93 12.83
C ALA A 18 32.56 -2.61 12.38
N GLN A 19 32.42 -1.65 11.46
CA GLN A 19 31.11 -1.29 10.97
C GLN A 19 30.47 -2.44 10.22
N ARG A 20 31.27 -3.18 9.45
CA ARG A 20 30.70 -4.31 8.71
C ARG A 20 30.32 -5.45 9.64
N GLU A 21 31.04 -5.64 10.75
CA GLU A 21 30.63 -6.63 11.73
C GLU A 21 29.31 -6.26 12.40
N ALA A 22 29.16 -4.99 12.79
CA ALA A 22 27.89 -4.53 13.32
C ALA A 22 26.76 -4.70 12.31
N ASN A 23 27.05 -4.38 11.05
CA ASN A 23 26.07 -4.58 9.99
C ASN A 23 25.69 -6.05 9.84
N LYS A 24 26.67 -6.95 9.92
CA LYS A 24 26.36 -8.38 9.81
C LYS A 24 25.46 -8.86 10.95
N LYS A 25 25.73 -8.39 12.17
CA LYS A 25 24.82 -8.71 13.28
C LYS A 25 23.41 -8.20 13.01
N ILE A 26 23.29 -6.97 12.51
CA ILE A 26 21.96 -6.41 12.27
C ILE A 26 21.26 -7.12 11.12
N GLU A 27 22.00 -7.44 10.06
CA GLU A 27 21.44 -8.27 8.99
C GLU A 27 20.92 -9.59 9.52
N LYS A 28 21.67 -10.23 10.41
CA LYS A 28 21.22 -11.51 10.97
C LYS A 28 19.92 -11.34 11.73
N GLN A 29 19.84 -10.30 12.58
CA GLN A 29 18.63 -10.08 13.36
C GLN A 29 17.44 -9.77 12.47
N LEU A 30 17.62 -8.86 11.50
CA LEU A 30 16.52 -8.48 10.62
C LEU A 30 16.06 -9.65 9.74
N GLN A 31 16.99 -10.46 9.25
CA GLN A 31 16.60 -11.64 8.47
C GLN A 31 15.87 -12.65 9.33
N LYS A 32 16.26 -12.79 10.59
CA LYS A 32 15.54 -13.69 11.47
C LYS A 32 14.13 -13.19 11.74
N ASP A 33 13.99 -11.87 11.98
CA ASP A 33 12.69 -11.29 12.28
C ASP A 33 11.78 -11.23 11.08
N LYS A 34 12.35 -11.22 9.86
CA LYS A 34 11.52 -11.23 8.67
C LYS A 34 10.60 -12.44 8.62
N GLN A 35 11.10 -13.61 9.00
CA GLN A 35 10.26 -14.80 8.98
C GLN A 35 9.15 -14.74 10.02
N VAL A 36 9.42 -14.15 11.18
CA VAL A 36 8.38 -14.00 12.20
C VAL A 36 7.33 -13.00 11.73
N TYR A 37 7.76 -11.91 11.12
CA TYR A 37 6.82 -10.92 10.61
C TYR A 37 5.98 -11.49 9.49
N ARG A 38 6.58 -12.26 8.59
CA ARG A 38 5.84 -12.88 7.50
C ARG A 38 4.88 -13.95 7.98
N ALA A 39 5.25 -14.69 9.03
CA ALA A 39 4.36 -15.74 9.52
C ALA A 39 3.18 -15.20 10.30
N THR A 40 3.36 -14.12 11.04
CA THR A 40 2.29 -13.56 11.86
C THR A 40 1.33 -12.76 10.98
N HIS A 41 0.07 -13.15 10.97
CA HIS A 41 -0.96 -12.36 10.32
C HIS A 41 -1.37 -11.21 11.23
N ARG A 42 -1.32 -9.99 10.70
CA ARG A 42 -1.77 -8.83 11.46
C ARG A 42 -3.24 -8.57 11.17
N LEU A 43 -4.00 -8.29 12.21
CA LEU A 43 -5.43 -8.03 12.10
C LEU A 43 -5.76 -6.73 12.80
N LEU A 44 -6.50 -5.86 12.12
CA LEU A 44 -7.08 -4.67 12.73
C LEU A 44 -8.48 -4.98 13.21
N LEU A 45 -8.71 -4.81 14.52
CA LEU A 45 -10.04 -4.94 15.09
C LEU A 45 -10.64 -3.55 15.23
N LEU A 46 -11.81 -3.36 14.62
CA LEU A 46 -12.38 -2.02 14.48
C LEU A 46 -13.87 -2.11 14.78
N GLY A 47 -14.29 -1.48 15.88
CA GLY A 47 -15.67 -1.48 16.30
C GLY A 47 -16.34 -0.17 15.92
N ALA A 48 -17.51 -0.29 15.30
CA ALA A 48 -18.32 0.89 14.99
C ALA A 48 -18.82 1.56 16.27
N GLY A 52 -19.71 -4.53 20.21
CA GLY A 52 -19.57 -5.82 20.87
C GLY A 52 -18.15 -6.35 20.87
N LYS A 53 -17.22 -5.46 21.22
CA LYS A 53 -15.80 -5.84 21.25
C LYS A 53 -15.54 -6.91 22.31
N ASN A 54 -16.17 -6.79 23.47
CA ASN A 54 -15.96 -7.78 24.53
C ASN A 54 -16.40 -9.16 24.08
N THR A 55 -17.55 -9.27 23.42
CA THR A 55 -18.01 -10.57 22.95
C THR A 55 -17.07 -11.18 21.92
N ILE A 56 -16.49 -10.34 21.06
CA ILE A 56 -15.61 -10.81 19.98
C ILE A 56 -14.15 -10.88 20.42
N VAL A 57 -13.83 -10.60 21.69
CA VAL A 57 -12.47 -10.70 22.20
C VAL A 57 -12.36 -11.68 23.36
N LYS A 58 -13.17 -11.50 24.40
CA LYS A 58 -13.20 -12.45 25.52
C LYS A 58 -13.35 -13.89 25.06
N GLN A 59 -13.92 -14.12 23.88
CA GLN A 59 -14.02 -15.45 23.30
C GLN A 59 -12.86 -15.77 22.35
N MET A 60 -11.89 -14.89 22.22
CA MET A 60 -10.69 -15.16 21.43
C MET A 60 -9.50 -14.35 21.92
N SER A 205 -4.89 3.32 27.08
CA SER A 205 -3.45 3.26 26.95
C SER A 205 -3.02 3.27 25.49
N GLY A 206 -3.93 3.71 24.62
CA GLY A 206 -3.66 3.74 23.19
C GLY A 206 -4.04 2.47 22.47
N ILE A 207 -3.31 2.16 21.39
CA ILE A 207 -3.48 0.89 20.71
C ILE A 207 -3.32 -0.27 21.67
N PHE A 208 -4.12 -1.32 21.47
CA PHE A 208 -4.18 -2.47 22.35
C PHE A 208 -4.00 -3.73 21.53
N GLU A 209 -3.34 -4.72 22.13
CA GLU A 209 -2.78 -5.84 21.40
C GLU A 209 -3.24 -7.14 22.05
N THR A 210 -3.80 -8.02 21.23
CA THR A 210 -4.08 -9.41 21.62
C THR A 210 -3.30 -10.31 20.68
N LYS A 211 -2.45 -11.16 21.25
CA LYS A 211 -1.59 -12.05 20.48
C LYS A 211 -1.99 -13.48 20.79
N PHE A 212 -2.35 -14.24 19.76
CA PHE A 212 -2.84 -15.59 19.92
C PHE A 212 -2.43 -16.40 18.71
N GLN A 213 -2.65 -17.72 18.79
CA GLN A 213 -2.38 -18.59 17.66
C GLN A 213 -3.51 -19.59 17.47
N VAL A 214 -3.79 -19.89 16.20
CA VAL A 214 -4.70 -20.95 15.82
C VAL A 214 -3.94 -21.92 14.92
N ASP A 215 -3.92 -23.19 15.30
CA ASP A 215 -3.23 -24.23 14.52
C ASP A 215 -1.78 -23.83 14.25
N LYS A 216 -1.12 -23.31 15.29
CA LYS A 216 0.26 -22.82 15.23
C LYS A 216 0.46 -21.66 14.26
N VAL A 217 -0.62 -21.09 13.72
CA VAL A 217 -0.53 -19.87 12.93
C VAL A 217 -0.66 -18.67 13.88
N ASN A 218 0.34 -17.80 13.88
CA ASN A 218 0.33 -16.63 14.75
C ASN A 218 -0.59 -15.55 14.19
N PHE A 219 -1.54 -15.12 15.01
CA PHE A 219 -2.43 -14.00 14.70
C PHE A 219 -2.19 -12.87 15.68
N HIS A 220 -2.13 -11.65 15.17
CA HIS A 220 -1.81 -10.48 15.99
C HIS A 220 -2.92 -9.45 15.84
N MET A 221 -3.66 -9.21 16.93
CA MET A 221 -4.94 -8.50 16.88
C MET A 221 -4.74 -7.14 17.52
N PHE A 222 -5.01 -6.08 16.75
CA PHE A 222 -4.76 -4.71 17.17
C PHE A 222 -6.05 -3.93 17.25
N ASP A 223 -6.39 -3.45 18.44
CA ASP A 223 -7.61 -2.71 18.70
C ASP A 223 -7.26 -1.24 18.93
N VAL A 224 -7.86 -0.36 18.14
CA VAL A 224 -7.46 1.06 18.10
C VAL A 224 -8.28 1.77 19.16
N GLY A 225 -7.81 1.68 20.40
CA GLY A 225 -8.40 2.41 21.50
C GLY A 225 -7.71 3.72 21.81
N ALA A 226 -8.39 4.55 22.58
CA ALA A 226 -7.93 5.89 22.97
C ALA A 226 -7.46 6.73 21.78
N GLN A 227 -8.08 6.53 20.62
CA GLN A 227 -7.96 7.43 19.49
C GLN A 227 -9.29 8.14 19.24
N ARG A 228 -9.21 9.43 18.93
CA ARG A 228 -10.40 10.20 18.65
C ARG A 228 -11.10 9.67 17.39
N ASP A 229 -12.34 10.10 17.20
CA ASP A 229 -13.22 9.54 16.18
C ASP A 229 -12.78 9.83 14.74
N GLU A 230 -11.85 10.75 14.51
CA GLU A 230 -11.44 11.09 13.15
C GLU A 230 -10.42 10.06 12.68
N ARG A 231 -10.91 9.07 11.95
CA ARG A 231 -10.13 7.89 11.57
C ARG A 231 -9.23 8.13 10.37
N ARG A 232 -9.53 9.16 9.58
CA ARG A 232 -8.98 9.26 8.22
C ARG A 232 -7.46 9.28 8.17
N LYS A 233 -6.80 9.81 9.19
CA LYS A 233 -5.34 9.82 9.20
C LYS A 233 -4.70 8.55 9.76
N TRP A 234 -5.22 7.99 10.85
CA TRP A 234 -4.58 6.82 11.41
C TRP A 234 -4.91 5.53 10.67
N ILE A 235 -6.10 5.39 10.10
CA ILE A 235 -6.49 4.12 9.51
C ILE A 235 -5.61 3.74 8.33
N GLN A 236 -4.97 4.71 7.69
CA GLN A 236 -4.02 4.42 6.63
C GLN A 236 -2.80 3.64 7.11
N CYS A 237 -2.54 3.63 8.42
CA CYS A 237 -1.49 2.77 8.97
C CYS A 237 -1.76 1.29 8.73
N PHE A 238 -2.99 0.92 8.40
CA PHE A 238 -3.41 -0.47 8.35
C PHE A 238 -3.67 -0.94 6.93
N ASN A 239 -3.04 -0.33 5.94
CA ASN A 239 -3.11 -0.81 4.57
C ASN A 239 -2.46 -2.17 4.38
N ASP A 240 -1.74 -2.68 5.38
CA ASP A 240 -1.00 -3.93 5.24
C ASP A 240 -1.38 -4.94 6.32
N VAL A 241 -2.55 -4.77 6.94
CA VAL A 241 -3.14 -5.85 7.70
C VAL A 241 -3.73 -6.88 6.74
N THR A 242 -3.87 -8.12 7.23
CA THR A 242 -4.53 -9.14 6.43
C THR A 242 -6.03 -8.89 6.33
N ALA A 243 -6.68 -8.52 7.43
CA ALA A 243 -8.09 -8.20 7.40
C ALA A 243 -8.41 -7.05 8.34
N ILE A 244 -9.41 -6.27 7.97
CA ILE A 244 -10.09 -5.34 8.87
C ILE A 244 -11.29 -6.05 9.47
N ILE A 245 -11.21 -6.41 10.74
CA ILE A 245 -12.29 -7.12 11.43
C ILE A 245 -13.31 -6.09 11.90
N PHE A 246 -14.41 -5.98 11.16
CA PHE A 246 -15.42 -4.95 11.40
C PHE A 246 -16.54 -5.56 12.23
N VAL A 247 -16.62 -5.18 13.50
CA VAL A 247 -17.66 -5.65 14.41
C VAL A 247 -18.74 -4.59 14.47
N VAL A 248 -19.95 -4.95 14.02
CA VAL A 248 -21.11 -4.06 14.05
C VAL A 248 -22.15 -4.66 14.98
N ALA A 249 -22.66 -3.85 15.90
CA ALA A 249 -23.76 -4.29 16.73
C ALA A 249 -25.06 -4.29 15.94
N SER A 250 -25.89 -5.32 16.17
CA SER A 250 -27.23 -5.36 15.58
C SER A 250 -28.11 -4.23 16.10
N SER A 251 -27.86 -3.79 17.33
CA SER A 251 -28.46 -2.59 17.92
C SER A 251 -29.93 -2.36 17.56
N THR A 263 -29.49 6.93 17.86
CA THR A 263 -29.05 7.12 16.48
C THR A 263 -29.08 5.81 15.73
N ASN A 264 -29.15 5.90 14.40
CA ASN A 264 -29.11 4.74 13.52
C ASN A 264 -27.67 4.24 13.44
N ARG A 265 -27.27 3.48 14.46
CA ARG A 265 -25.92 2.95 14.52
C ARG A 265 -25.62 2.00 13.36
N LEU A 266 -26.64 1.37 12.78
CA LEU A 266 -26.42 0.58 11.58
C LEU A 266 -25.98 1.46 10.42
N GLN A 267 -26.64 2.60 10.22
CA GLN A 267 -26.25 3.49 9.14
C GLN A 267 -24.85 4.06 9.35
N ALA A 268 -24.51 4.44 10.58
CA ALA A 268 -23.19 4.97 10.86
C ALA A 268 -22.12 3.90 10.67
N ALA A 269 -22.37 2.68 11.16
CA ALA A 269 -21.46 1.57 10.89
C ALA A 269 -21.32 1.32 9.41
N LEU A 270 -22.42 1.38 8.67
CA LEU A 270 -22.38 1.07 7.24
C LEU A 270 -21.63 2.13 6.46
N LYS A 271 -21.77 3.40 6.82
CA LYS A 271 -20.99 4.45 6.18
C LYS A 271 -19.51 4.36 6.54
N LEU A 272 -19.21 3.97 7.79
CA LEU A 272 -17.83 3.71 8.15
C LEU A 272 -17.25 2.59 7.31
N PHE A 273 -18.01 1.51 7.11
CA PHE A 273 -17.53 0.41 6.29
C PHE A 273 -17.36 0.82 4.84
N ASP A 274 -18.29 1.59 4.29
CA ASP A 274 -18.16 2.10 2.93
C ASP A 274 -16.88 2.93 2.77
N SER A 275 -16.60 3.79 3.75
CA SER A 275 -15.38 4.58 3.71
C SER A 275 -14.13 3.71 3.84
N ILE A 276 -14.19 2.67 4.69
CA ILE A 276 -13.10 1.72 4.80
C ILE A 276 -12.84 1.03 3.46
N TRP A 277 -13.92 0.65 2.79
CA TRP A 277 -13.83 -0.13 1.56
C TRP A 277 -13.25 0.71 0.42
N ASN A 278 -13.77 1.91 0.22
CA ASN A 278 -13.41 2.71 -0.93
C ASN A 278 -12.09 3.46 -0.79
N ASN A 279 -11.59 3.66 0.44
CA ASN A 279 -10.37 4.43 0.65
C ASN A 279 -9.20 3.83 -0.13
N LYS A 280 -8.53 4.68 -0.91
CA LYS A 280 -7.58 4.22 -1.92
C LYS A 280 -6.39 3.48 -1.34
N TRP A 281 -6.06 3.72 -0.07
CA TRP A 281 -4.96 3.01 0.56
C TRP A 281 -5.39 1.70 1.19
N LEU A 282 -6.65 1.60 1.61
CA LEU A 282 -7.13 0.42 2.31
C LEU A 282 -7.67 -0.67 1.39
N ARG A 283 -7.88 -0.37 0.11
CA ARG A 283 -7.94 -1.44 -0.87
C ARG A 283 -6.72 -2.35 -0.77
N ASP A 284 -6.90 -3.60 -1.15
CA ASP A 284 -6.02 -4.73 -0.87
C ASP A 284 -6.03 -5.15 0.59
N THR A 285 -6.94 -4.61 1.41
CA THR A 285 -7.21 -5.16 2.73
C THR A 285 -8.64 -5.66 2.76
N SER A 286 -8.80 -6.93 3.14
CA SER A 286 -10.12 -7.54 3.17
C SER A 286 -10.81 -7.21 4.49
N VAL A 287 -12.12 -7.42 4.53
CA VAL A 287 -12.91 -7.16 5.73
C VAL A 287 -13.59 -8.45 6.16
N ILE A 288 -13.43 -8.80 7.43
CA ILE A 288 -14.18 -9.89 8.04
C ILE A 288 -15.21 -9.24 8.94
N LEU A 289 -16.46 -9.35 8.57
CA LEU A 289 -17.53 -8.51 9.10
C LEU A 289 -18.36 -9.35 10.06
N PHE A 290 -18.12 -9.16 11.35
CA PHE A 290 -18.87 -9.87 12.37
C PHE A 290 -20.08 -9.03 12.78
N LEU A 291 -21.25 -9.40 12.27
CA LEU A 291 -22.51 -8.86 12.79
C LEU A 291 -22.75 -9.42 14.18
N ASN A 292 -22.32 -8.69 15.20
CA ASN A 292 -22.45 -9.17 16.57
C ASN A 292 -23.83 -8.82 17.12
N LYS A 293 -24.11 -9.33 18.32
CA LYS A 293 -25.36 -9.09 19.04
C LYS A 293 -26.60 -9.50 18.26
N GLN A 294 -26.47 -10.50 17.37
CA GLN A 294 -27.64 -10.92 16.60
C GLN A 294 -28.65 -11.67 17.45
N ASP A 295 -28.26 -12.16 18.63
CA ASP A 295 -29.26 -12.51 19.63
C ASP A 295 -29.78 -11.26 20.35
N LEU A 296 -28.87 -10.54 21.03
CA LEU A 296 -29.24 -9.70 22.17
C LEU A 296 -30.16 -8.54 21.80
N LEU A 297 -30.10 -8.06 20.56
CA LEU A 297 -31.09 -7.07 20.13
C LEU A 297 -31.80 -7.51 18.86
N ALA A 298 -31.14 -8.30 18.03
CA ALA A 298 -31.74 -8.72 16.78
C ALA A 298 -32.82 -9.78 16.97
N GLU A 299 -33.01 -10.28 18.20
CA GLU A 299 -34.21 -11.06 18.49
C GLU A 299 -35.48 -10.31 18.10
N LYS A 300 -35.47 -8.98 18.26
CA LYS A 300 -36.47 -8.06 17.70
C LYS A 300 -37.89 -8.63 17.85
N VAL A 301 -38.23 -9.02 19.08
CA VAL A 301 -39.52 -9.66 19.34
C VAL A 301 -40.64 -8.65 19.48
N LEU A 302 -40.37 -7.37 19.26
CA LEU A 302 -41.34 -6.32 19.50
C LEU A 302 -42.62 -6.56 18.70
N ALA A 303 -43.76 -6.46 19.37
CA ALA A 303 -45.05 -6.65 18.73
C ALA A 303 -45.32 -5.53 17.72
N LYS A 307 -35.99 -1.59 15.50
CA LYS A 307 -36.62 -0.60 14.64
C LYS A 307 -35.99 -0.57 13.25
N ILE A 308 -35.55 -1.75 12.80
CA ILE A 308 -34.98 -1.88 11.46
C ILE A 308 -35.94 -1.33 10.41
N GLU A 309 -37.23 -1.68 10.55
CA GLU A 309 -38.24 -1.19 9.62
C GLU A 309 -38.34 0.33 9.58
N ASP A 310 -37.98 1.01 10.67
CA ASP A 310 -38.16 2.46 10.72
C ASP A 310 -37.01 3.21 10.06
N TYR A 311 -35.77 2.82 10.37
CA TYR A 311 -34.62 3.47 9.78
C TYR A 311 -34.33 3.02 8.35
N PHE A 312 -34.79 1.83 7.97
CA PHE A 312 -34.54 1.28 6.65
C PHE A 312 -35.87 0.88 6.03
N PRO A 313 -36.58 1.84 5.42
CA PRO A 313 -37.95 1.55 4.95
C PRO A 313 -38.01 0.53 3.82
N GLU A 314 -36.92 0.32 3.09
CA GLU A 314 -36.89 -0.70 2.06
C GLU A 314 -36.95 -2.12 2.61
N PHE A 315 -36.82 -2.28 3.92
CA PHE A 315 -36.97 -3.60 4.55
C PHE A 315 -38.36 -4.18 4.33
N ALA A 316 -39.38 -3.34 4.15
CA ALA A 316 -40.72 -3.85 3.91
C ALA A 316 -40.83 -4.65 2.62
N ARG A 317 -39.97 -4.38 1.65
CA ARG A 317 -39.99 -5.07 0.37
C ARG A 317 -39.06 -6.27 0.30
N TYR A 318 -38.36 -6.61 1.39
CA TYR A 318 -37.34 -7.64 1.36
C TYR A 318 -37.84 -8.90 2.07
N THR A 319 -37.97 -9.97 1.31
CA THR A 319 -38.19 -11.30 1.85
C THR A 319 -36.89 -11.89 2.38
N THR A 320 -37.02 -12.79 3.34
CA THR A 320 -35.89 -13.62 3.74
C THR A 320 -35.41 -14.45 2.55
N PRO A 321 -34.10 -14.51 2.30
CA PRO A 321 -33.63 -15.07 1.02
C PRO A 321 -33.89 -16.56 0.93
N GLU A 322 -34.01 -17.04 -0.31
CA GLU A 322 -34.13 -18.48 -0.55
C GLU A 322 -32.89 -19.23 -0.09
N ASP A 323 -31.72 -18.60 -0.16
CA ASP A 323 -30.47 -19.20 0.28
C ASP A 323 -30.22 -18.98 1.77
N ALA A 324 -31.26 -18.73 2.55
CA ALA A 324 -31.11 -18.62 3.99
C ALA A 324 -30.84 -19.98 4.61
N THR A 325 -29.90 -20.00 5.55
CA THR A 325 -29.47 -21.22 6.23
C THR A 325 -29.53 -20.96 7.73
N PRO A 326 -30.73 -20.96 8.30
CA PRO A 326 -30.87 -20.55 9.69
C PRO A 326 -30.37 -21.61 10.67
N GLU A 327 -30.14 -21.16 11.89
CA GLU A 327 -30.09 -22.01 13.08
C GLU A 327 -31.40 -21.88 13.82
N PRO A 328 -32.08 -22.98 14.15
CA PRO A 328 -33.39 -22.86 14.80
C PRO A 328 -33.27 -22.22 16.17
N GLY A 329 -34.40 -21.70 16.65
CA GLY A 329 -34.42 -20.84 17.81
C GLY A 329 -34.33 -19.36 17.50
N GLU A 330 -33.86 -19.01 16.30
CA GLU A 330 -34.02 -17.67 15.75
C GLU A 330 -35.29 -17.64 14.92
N ASP A 331 -36.18 -16.72 15.23
CA ASP A 331 -37.42 -16.57 14.49
C ASP A 331 -37.19 -16.02 13.09
N PRO A 332 -38.16 -16.20 12.20
CA PRO A 332 -38.08 -15.54 10.89
C PRO A 332 -37.92 -14.04 10.99
N ARG A 333 -38.34 -13.42 12.09
CA ARG A 333 -38.04 -12.01 12.31
C ARG A 333 -36.54 -11.76 12.31
N VAL A 334 -35.77 -12.68 12.89
CA VAL A 334 -34.33 -12.53 12.92
C VAL A 334 -33.71 -12.94 11.59
N THR A 335 -34.27 -13.96 10.95
CA THR A 335 -33.70 -14.36 9.66
C THR A 335 -34.01 -13.34 8.56
N ARG A 336 -35.05 -12.52 8.74
CA ARG A 336 -35.20 -11.29 7.97
C ARG A 336 -34.13 -10.28 8.33
N ALA A 337 -34.06 -9.89 9.60
CA ALA A 337 -33.25 -8.76 10.01
C ALA A 337 -31.78 -8.94 9.65
N LYS A 338 -31.19 -10.05 10.12
CA LYS A 338 -29.75 -10.24 9.95
C LYS A 338 -29.37 -10.36 8.48
N TYR A 339 -30.18 -11.07 7.68
CA TYR A 339 -29.87 -11.17 6.26
C TYR A 339 -30.05 -9.84 5.54
N PHE A 340 -31.02 -9.01 5.95
CA PHE A 340 -31.14 -7.69 5.34
C PHE A 340 -29.92 -6.83 5.62
N ILE A 341 -29.45 -6.84 6.88
CA ILE A 341 -28.24 -6.08 7.19
C ILE A 341 -27.06 -6.61 6.39
N ARG A 342 -26.93 -7.93 6.27
CA ARG A 342 -25.86 -8.49 5.48
C ARG A 342 -25.97 -8.04 4.03
N ASP A 343 -27.18 -8.01 3.49
CA ASP A 343 -27.38 -7.58 2.12
C ASP A 343 -26.96 -6.13 1.93
N GLU A 344 -27.18 -5.29 2.94
CA GLU A 344 -26.75 -3.89 2.84
C GLU A 344 -25.22 -3.79 2.78
N PHE A 345 -24.54 -4.49 3.69
CA PHE A 345 -23.08 -4.46 3.66
C PHE A 345 -22.55 -5.06 2.36
N LEU A 346 -23.16 -6.15 1.87
CA LEU A 346 -22.71 -6.75 0.63
C LEU A 346 -23.03 -5.88 -0.57
N ARG A 347 -24.05 -5.04 -0.49
CA ARG A 347 -24.27 -4.04 -1.54
C ARG A 347 -23.09 -3.09 -1.61
N ILE A 348 -22.69 -2.56 -0.45
CA ILE A 348 -21.53 -1.68 -0.41
C ILE A 348 -20.29 -2.40 -0.93
N SER A 349 -20.11 -3.66 -0.53
CA SER A 349 -18.92 -4.42 -0.93
C SER A 349 -18.90 -4.66 -2.44
N THR A 350 -19.98 -5.23 -2.98
CA THR A 350 -20.01 -5.64 -4.37
C THR A 350 -19.98 -4.46 -5.32
N ALA A 351 -20.61 -3.35 -4.96
CA ALA A 351 -20.75 -2.26 -5.91
C ALA A 351 -19.43 -1.56 -6.23
N SER A 352 -18.43 -1.68 -5.35
CA SER A 352 -17.22 -0.88 -5.53
C SER A 352 -15.93 -1.67 -5.30
N GLY A 353 -15.97 -3.00 -5.37
CA GLY A 353 -14.77 -3.78 -5.19
C GLY A 353 -14.78 -5.11 -5.93
N ASP A 354 -13.79 -5.34 -6.78
CA ASP A 354 -13.63 -6.64 -7.42
C ASP A 354 -12.15 -7.05 -7.42
N GLY A 355 -11.91 -8.31 -7.08
CA GLY A 355 -10.61 -8.94 -7.25
C GLY A 355 -9.49 -8.51 -6.33
N ARG A 356 -9.57 -7.31 -5.76
CA ARG A 356 -8.48 -6.79 -4.95
C ARG A 356 -8.75 -6.85 -3.46
N HIS A 357 -10.01 -6.78 -3.04
CA HIS A 357 -10.37 -6.93 -1.63
C HIS A 357 -11.72 -7.61 -1.53
N TYR A 358 -11.88 -8.40 -0.46
CA TYR A 358 -13.04 -9.25 -0.30
C TYR A 358 -13.65 -9.04 1.08
N CYS A 359 -14.96 -9.25 1.16
CA CYS A 359 -15.70 -9.04 2.40
C CYS A 359 -16.39 -10.34 2.82
N TYR A 360 -16.16 -10.75 4.05
CA TYR A 360 -16.62 -12.05 4.56
C TYR A 360 -17.61 -11.81 5.68
N PRO A 361 -18.91 -11.80 5.39
CA PRO A 361 -19.90 -11.59 6.45
C PRO A 361 -20.01 -12.78 7.37
N HIS A 362 -20.24 -12.51 8.64
CA HIS A 362 -20.43 -13.57 9.63
C HIS A 362 -21.44 -13.10 10.66
N PHE A 363 -22.54 -13.83 10.78
CA PHE A 363 -23.44 -13.64 11.90
C PHE A 363 -22.79 -14.18 13.16
N THR A 364 -22.88 -13.42 14.25
CA THR A 364 -22.29 -13.87 15.51
C THR A 364 -23.01 -13.23 16.67
N CYS A 365 -22.80 -13.81 17.86
CA CYS A 365 -23.64 -13.56 19.02
C CYS A 365 -22.74 -13.44 20.25
N ALA A 366 -23.33 -12.89 21.32
CA ALA A 366 -22.58 -12.71 22.56
C ALA A 366 -22.10 -14.03 23.14
N VAL A 367 -22.87 -15.10 22.98
CA VAL A 367 -22.48 -16.41 23.48
C VAL A 367 -21.75 -17.23 22.43
N ASP A 368 -22.10 -17.05 21.16
CA ASP A 368 -21.61 -17.93 20.09
C ASP A 368 -20.10 -17.81 19.95
N THR A 369 -19.37 -18.79 20.49
CA THR A 369 -17.92 -18.79 20.50
C THR A 369 -17.47 -19.53 19.24
N GLU A 370 -16.17 -19.80 19.10
CA GLU A 370 -15.52 -20.38 17.92
C GLU A 370 -15.56 -19.43 16.73
N ASN A 371 -15.87 -18.15 16.97
CA ASN A 371 -15.65 -17.11 15.96
C ASN A 371 -14.20 -17.04 15.54
N ILE A 372 -13.29 -17.32 16.47
CA ILE A 372 -11.85 -17.38 16.16
C ILE A 372 -11.57 -18.36 15.05
N ARG A 373 -12.32 -19.47 15.00
CA ARG A 373 -12.12 -20.44 13.91
C ARG A 373 -12.50 -19.84 12.57
N ARG A 374 -13.55 -19.01 12.55
CA ARG A 374 -13.97 -18.37 11.31
C ARG A 374 -13.03 -17.24 10.92
N VAL A 375 -12.45 -16.56 11.90
CA VAL A 375 -11.37 -15.62 11.63
C VAL A 375 -10.21 -16.33 10.94
N PHE A 376 -9.78 -17.47 11.49
CA PHE A 376 -8.71 -18.24 10.88
C PHE A 376 -9.06 -18.66 9.47
N ASN A 377 -10.26 -19.23 9.28
CA ASN A 377 -10.66 -19.73 7.96
C ASN A 377 -10.69 -18.61 6.93
N ASP A 378 -11.11 -17.42 7.32
CA ASP A 378 -11.20 -16.36 6.32
C ASP A 378 -9.89 -15.62 6.11
N CYS A 379 -9.04 -15.56 7.12
CA CYS A 379 -7.67 -15.11 6.90
C CYS A 379 -6.92 -16.04 5.95
N ARG A 380 -7.10 -17.34 6.13
CA ARG A 380 -6.56 -18.30 5.17
C ARG A 380 -7.11 -18.07 3.76
N ASP A 381 -8.42 -17.83 3.65
CA ASP A 381 -8.99 -17.57 2.34
C ASP A 381 -8.40 -16.32 1.71
N ILE A 382 -8.19 -15.27 2.51
CA ILE A 382 -7.55 -14.05 2.02
C ILE A 382 -6.17 -14.35 1.47
N ILE A 383 -5.37 -15.14 2.19
CA ILE A 383 -4.00 -15.39 1.73
C ILE A 383 -4.00 -16.28 0.49
N GLN A 384 -4.88 -17.27 0.45
CA GLN A 384 -5.02 -18.08 -0.76
C GLN A 384 -5.40 -17.22 -1.96
N ARG A 385 -6.35 -16.30 -1.76
CA ARG A 385 -6.79 -15.46 -2.87
C ARG A 385 -5.69 -14.52 -3.31
N MET A 386 -4.87 -14.04 -2.36
CA MET A 386 -3.70 -13.25 -2.70
C MET A 386 -2.75 -14.03 -3.62
N HIS A 387 -2.45 -15.27 -3.25
CA HIS A 387 -1.52 -16.05 -4.07
C HIS A 387 -2.09 -16.36 -5.45
N LEU A 388 -3.35 -16.78 -5.51
CA LEU A 388 -4.00 -16.92 -6.81
C LEU A 388 -4.00 -15.62 -7.60
N ARG A 389 -4.08 -14.48 -6.93
CA ARG A 389 -4.03 -13.20 -7.61
C ARG A 389 -2.65 -12.96 -8.21
N GLN A 390 -1.60 -13.31 -7.46
CA GLN A 390 -0.25 -13.14 -7.96
C GLN A 390 0.00 -14.02 -9.18
N TYR A 391 -0.44 -15.28 -9.13
CA TYR A 391 -0.29 -16.10 -10.34
C TYR A 391 -1.22 -15.69 -11.47
N GLU A 392 -2.00 -14.62 -11.31
CA GLU A 392 -2.91 -14.13 -12.33
C GLU A 392 -3.95 -15.18 -12.73
N LEU A 393 -4.34 -16.04 -11.80
CA LEU A 393 -5.25 -17.12 -12.12
C LEU A 393 -6.72 -16.77 -11.91
N LEU A 394 -7.02 -15.79 -11.07
CA LEU A 394 -8.41 -15.35 -10.91
C LEU A 394 -8.76 -14.24 -11.89
N GLU B 8 -25.89 34.56 23.69
CA GLU B 8 -24.50 34.89 23.93
C GLU B 8 -23.59 34.33 22.85
N LEU B 9 -23.72 33.02 22.61
CA LEU B 9 -22.84 32.34 21.67
C LEU B 9 -22.88 33.00 20.30
N ASP B 10 -24.07 33.38 19.83
CA ASP B 10 -24.18 34.06 18.54
C ASP B 10 -23.46 35.41 18.55
N GLN B 11 -23.46 36.10 19.68
CA GLN B 11 -22.70 37.35 19.79
C GLN B 11 -21.22 37.11 19.60
N LEU B 12 -20.68 36.07 20.23
CA LEU B 12 -19.27 35.74 20.05
C LEU B 12 -18.99 35.26 18.63
N ARG B 13 -19.94 34.57 18.00
CA ARG B 13 -19.80 34.22 16.59
C ARG B 13 -19.65 35.47 15.74
N GLN B 14 -20.54 36.45 15.96
CA GLN B 14 -20.50 37.67 15.17
C GLN B 14 -19.19 38.44 15.41
N GLU B 15 -18.75 38.52 16.66
CA GLU B 15 -17.49 39.21 16.95
C GLU B 15 -16.31 38.49 16.31
N ALA B 16 -16.31 37.15 16.36
CA ALA B 16 -15.26 36.38 15.69
C ALA B 16 -15.25 36.64 14.19
N GLU B 17 -16.42 36.67 13.56
CA GLU B 17 -16.47 36.98 12.14
C GLU B 17 -16.00 38.41 11.85
N GLN B 18 -16.27 39.34 12.76
CA GLN B 18 -15.79 40.71 12.56
C GLN B 18 -14.27 40.79 12.64
N LEU B 19 -13.67 40.10 13.61
CA LEU B 19 -12.21 40.05 13.68
C LEU B 19 -11.62 39.33 12.47
N LYS B 20 -12.28 38.25 12.02
CA LYS B 20 -11.80 37.54 10.84
C LYS B 20 -11.81 38.43 9.61
N ASN B 21 -12.84 39.25 9.44
CA ASN B 21 -12.87 40.14 8.29
C ASN B 21 -11.92 41.32 8.47
N GLN B 22 -11.62 41.72 9.69
CA GLN B 22 -10.52 42.65 9.92
C GLN B 22 -9.20 42.07 9.44
N ILE B 23 -8.89 40.85 9.84
CA ILE B 23 -7.64 40.22 9.44
C ILE B 23 -7.57 40.05 7.93
N ARG B 24 -8.68 39.62 7.31
CA ARG B 24 -8.70 39.44 5.87
C ARG B 24 -8.46 40.75 5.14
N ASP B 25 -9.13 41.82 5.58
CA ASP B 25 -8.93 43.12 4.94
C ASP B 25 -7.51 43.62 5.13
N ALA B 26 -6.93 43.40 6.32
CA ALA B 26 -5.56 43.83 6.57
C ALA B 26 -4.57 43.10 5.67
N ARG B 27 -4.72 41.78 5.56
CA ARG B 27 -3.89 41.01 4.64
C ARG B 27 -4.02 41.49 3.21
N LYS B 28 -5.25 41.75 2.76
CA LYS B 28 -5.46 42.20 1.39
C LYS B 28 -4.82 43.57 1.17
N ALA B 29 -4.93 44.46 2.14
CA ALA B 29 -4.31 45.78 2.01
C ALA B 29 -2.78 45.66 1.99
N CYS B 30 -2.23 44.72 2.74
CA CYS B 30 -0.78 44.56 2.79
C CYS B 30 -0.22 43.68 1.67
N ALA B 31 -1.07 43.12 0.80
CA ALA B 31 -0.59 42.37 -0.35
C ALA B 31 -0.25 43.32 -1.51
N ASP B 32 0.66 44.27 -1.22
CA ASP B 32 0.98 45.31 -2.20
C ASP B 32 1.64 44.75 -3.46
N ALA B 33 2.38 43.66 -3.36
CA ALA B 33 2.93 42.99 -4.53
C ALA B 33 2.63 41.50 -4.46
N THR B 34 2.95 40.79 -5.54
CA THR B 34 2.90 39.35 -5.58
C THR B 34 4.28 38.77 -5.85
N LEU B 35 4.59 37.64 -5.19
CA LEU B 35 5.91 37.04 -5.33
C LEU B 35 6.22 36.65 -6.76
N SER B 36 5.25 36.04 -7.45
CA SER B 36 5.45 35.62 -8.83
C SER B 36 5.75 36.79 -9.75
N GLN B 37 5.34 38.00 -9.39
CA GLN B 37 5.67 39.18 -10.18
C GLN B 37 6.99 39.80 -9.76
N ILE B 38 7.27 39.83 -8.45
CA ILE B 38 8.53 40.39 -8.00
C ILE B 38 9.70 39.58 -8.55
N THR B 39 9.61 38.26 -8.49
CA THR B 39 10.66 37.42 -9.06
C THR B 39 10.21 36.79 -10.37
N ASN B 40 9.92 37.62 -11.37
CA ASN B 40 9.74 37.15 -12.73
C ASN B 40 11.04 37.10 -13.54
N ASN B 41 12.00 37.98 -13.24
CA ASN B 41 13.23 38.07 -14.00
C ASN B 41 14.35 37.18 -13.49
N ILE B 42 14.20 36.55 -12.31
CA ILE B 42 15.23 35.66 -11.80
C ILE B 42 15.43 34.49 -12.76
N ASP B 43 16.68 34.10 -12.93
CA ASP B 43 17.02 33.07 -13.92
C ASP B 43 16.42 31.73 -13.53
N PRO B 44 15.67 31.08 -14.43
CA PRO B 44 15.14 29.75 -14.13
C PRO B 44 16.25 28.74 -13.89
N VAL B 45 15.95 27.75 -13.04
CA VAL B 45 16.94 26.75 -12.62
C VAL B 45 17.18 25.68 -13.67
N GLY B 46 16.47 25.69 -14.79
CA GLY B 46 16.66 24.72 -15.84
C GLY B 46 16.03 23.36 -15.61
N ARG B 47 16.85 22.34 -15.33
CA ARG B 47 16.34 21.04 -14.95
C ARG B 47 17.28 20.39 -13.94
N ILE B 48 16.70 19.80 -12.90
CA ILE B 48 17.50 19.26 -11.79
C ILE B 48 17.36 17.74 -11.74
N GLN B 49 18.21 17.04 -12.49
CA GLN B 49 18.16 15.59 -12.61
C GLN B 49 18.98 14.96 -11.48
N MET B 50 18.30 14.52 -10.43
CA MET B 50 18.98 13.97 -9.27
C MET B 50 19.17 12.46 -9.42
N ARG B 51 20.35 12.00 -9.01
CA ARG B 51 20.76 10.61 -9.15
C ARG B 51 20.43 9.80 -7.90
N THR B 52 19.89 8.60 -8.10
CA THR B 52 19.59 7.69 -7.01
C THR B 52 20.88 7.09 -6.46
N ARG B 53 21.69 7.89 -5.78
CA ARG B 53 23.07 7.49 -5.55
C ARG B 53 23.20 6.32 -4.58
N ARG B 54 22.23 6.12 -3.68
CA ARG B 54 22.17 4.90 -2.89
C ARG B 54 20.72 4.51 -2.65
N THR B 55 20.49 3.20 -2.52
CA THR B 55 19.21 2.65 -2.10
C THR B 55 19.42 1.75 -0.90
N LEU B 56 18.64 1.98 0.15
CA LEU B 56 18.81 1.29 1.43
C LEU B 56 17.65 0.31 1.63
N ARG B 57 17.98 -0.96 1.87
CA ARG B 57 17.04 -2.07 1.67
C ARG B 57 16.80 -2.87 2.95
N GLY B 58 16.86 -2.22 4.11
CA GLY B 58 16.77 -2.96 5.35
C GLY B 58 15.38 -3.24 5.89
N HIS B 59 14.46 -2.30 5.73
CA HIS B 59 13.16 -2.38 6.39
C HIS B 59 12.28 -3.47 5.80
N LEU B 60 11.47 -4.08 6.68
CA LEU B 60 10.57 -5.16 6.32
C LEU B 60 9.24 -4.66 5.78
N ALA B 61 8.81 -3.46 6.20
CA ALA B 61 7.47 -2.96 5.90
C ALA B 61 7.59 -1.51 5.49
N LYS B 62 6.45 -0.85 5.33
CA LYS B 62 6.44 0.52 4.84
C LYS B 62 7.14 1.48 5.79
N ILE B 63 8.12 2.20 5.27
CA ILE B 63 8.79 3.27 6.01
C ILE B 63 7.84 4.46 6.16
N TYR B 64 7.71 4.95 7.39
CA TYR B 64 6.80 6.05 7.66
C TYR B 64 7.49 7.36 7.97
N ALA B 65 8.71 7.34 8.48
CA ALA B 65 9.43 8.58 8.75
C ALA B 65 10.93 8.37 8.62
N MET B 66 11.65 9.44 8.30
CA MET B 66 13.10 9.44 8.33
C MET B 66 13.57 10.84 8.69
N HIS B 67 14.78 10.91 9.23
CA HIS B 67 15.32 12.18 9.69
C HIS B 67 16.85 12.11 9.65
N TRP B 68 17.47 13.15 9.11
CA TRP B 68 18.92 13.27 9.05
C TRP B 68 19.47 13.87 10.32
N GLY B 69 20.65 13.41 10.73
CA GLY B 69 21.36 14.04 11.82
C GLY B 69 22.07 15.31 11.39
N THR B 70 22.50 16.08 12.40
CA THR B 70 23.29 17.28 12.13
C THR B 70 24.63 16.96 11.49
N ASP B 71 25.13 15.74 11.66
CA ASP B 71 26.34 15.31 10.98
C ASP B 71 26.17 15.19 9.47
N SER B 72 24.95 15.31 8.96
CA SER B 72 24.62 15.21 7.55
C SER B 72 25.00 13.86 6.94
N ARG B 73 25.29 12.87 7.76
CA ARG B 73 25.76 11.57 7.29
C ARG B 73 24.89 10.42 7.76
N LEU B 74 24.52 10.39 9.03
CA LEU B 74 23.67 9.35 9.59
C LEU B 74 22.21 9.74 9.45
N LEU B 75 21.35 8.74 9.18
CA LEU B 75 19.91 8.97 9.22
C LEU B 75 19.24 7.88 10.03
N VAL B 76 18.17 8.28 10.71
CA VAL B 76 17.21 7.36 11.32
C VAL B 76 16.07 7.12 10.35
N SER B 77 15.57 5.89 10.32
CA SER B 77 14.38 5.54 9.55
C SER B 77 13.46 4.69 10.40
N ALA B 78 12.16 4.97 10.31
CA ALA B 78 11.15 4.32 11.14
C ALA B 78 10.11 3.66 10.25
N SER B 79 9.84 2.38 10.50
CA SER B 79 8.95 1.59 9.66
C SER B 79 7.99 0.82 10.56
N GLN B 80 6.83 0.51 10.01
CA GLN B 80 5.80 -0.17 10.77
C GLN B 80 6.09 -1.66 10.98
N ASP B 81 7.31 -2.09 10.72
CA ASP B 81 7.82 -3.36 11.26
C ASP B 81 8.28 -3.21 12.69
N GLY B 82 8.29 -2.00 13.23
CA GLY B 82 8.73 -1.76 14.58
C GLY B 82 10.21 -1.66 14.73
N LYS B 83 10.94 -1.38 13.65
CA LYS B 83 12.38 -1.17 13.71
C LYS B 83 12.67 0.30 13.41
N LEU B 84 13.44 0.94 14.27
CA LEU B 84 14.27 2.05 13.85
C LEU B 84 15.57 1.49 13.30
N ILE B 85 15.99 1.98 12.14
CA ILE B 85 17.31 1.66 11.61
C ILE B 85 18.11 2.95 11.50
N ILE B 86 19.32 2.93 12.03
CA ILE B 86 20.26 4.04 11.88
C ILE B 86 21.24 3.66 10.78
N TRP B 87 21.27 4.46 9.72
CA TRP B 87 21.99 4.16 8.50
C TRP B 87 23.19 5.10 8.38
N ASP B 88 24.33 4.57 7.97
CA ASP B 88 25.43 5.41 7.51
C ASP B 88 25.24 5.60 6.01
N SER B 89 24.80 6.79 5.61
CA SER B 89 24.53 7.07 4.21
C SER B 89 25.79 7.08 3.35
N TYR B 90 26.96 7.21 3.95
CA TYR B 90 28.20 7.13 3.17
C TYR B 90 28.59 5.69 2.84
N THR B 91 27.99 4.70 3.51
CA THR B 91 28.43 3.31 3.41
C THR B 91 27.29 2.31 3.29
N THR B 92 26.03 2.75 3.44
CA THR B 92 24.83 1.89 3.46
C THR B 92 24.83 0.97 4.68
N ASN B 93 25.85 1.06 5.53
CA ASN B 93 25.90 0.19 6.70
C ASN B 93 24.85 0.62 7.73
N LYS B 94 24.15 -0.35 8.29
CA LYS B 94 23.28 -0.12 9.44
C LYS B 94 24.13 -0.09 10.71
N VAL B 95 24.06 1.02 11.43
CA VAL B 95 24.81 1.15 12.68
C VAL B 95 24.05 0.54 13.85
N HIS B 96 22.73 0.74 13.89
CA HIS B 96 21.88 0.09 14.88
C HIS B 96 20.54 -0.23 14.24
N ALA B 97 19.87 -1.27 14.77
CA ALA B 97 18.45 -1.46 14.55
C ALA B 97 17.81 -1.75 15.90
N ILE B 98 16.70 -1.07 16.17
CA ILE B 98 16.14 -0.98 17.51
C ILE B 98 14.73 -1.56 17.50
N PRO B 99 14.42 -2.54 18.34
CA PRO B 99 13.05 -3.06 18.39
C PRO B 99 12.13 -2.09 19.11
N LEU B 100 10.96 -1.85 18.54
CA LEU B 100 9.97 -0.96 19.13
C LEU B 100 8.87 -1.77 19.82
N ARG B 101 8.44 -1.31 21.00
CA ARG B 101 7.40 -2.00 21.73
C ARG B 101 6.07 -1.99 21.00
N SER B 102 5.79 -0.95 20.22
CA SER B 102 4.65 -0.94 19.31
C SER B 102 5.16 -0.82 17.88
N SER B 103 4.71 -1.75 17.03
CA SER B 103 5.16 -1.73 15.64
C SER B 103 4.69 -0.52 14.87
N TRP B 104 3.60 0.12 15.30
CA TRP B 104 3.00 1.21 14.53
C TRP B 104 3.63 2.55 14.89
N VAL B 105 4.91 2.66 14.52
CA VAL B 105 5.60 3.94 14.56
C VAL B 105 5.09 4.82 13.43
N MET B 106 5.01 6.12 13.69
CA MET B 106 4.55 7.08 12.71
C MET B 106 5.47 8.30 12.57
N THR B 107 6.38 8.51 13.50
CA THR B 107 7.33 9.61 13.43
C THR B 107 8.67 9.15 13.98
N CYS B 108 9.73 9.77 13.49
CA CYS B 108 11.03 9.65 14.12
C CYS B 108 11.77 10.98 14.05
N ALA B 109 12.74 11.15 14.94
CA ALA B 109 13.59 12.33 14.96
C ALA B 109 14.92 11.95 15.58
N TYR B 110 15.95 12.71 15.25
CA TYR B 110 17.29 12.36 15.69
C TYR B 110 17.99 13.64 16.14
N ALA B 111 18.49 13.63 17.37
CA ALA B 111 18.80 14.87 18.07
C ALA B 111 19.97 15.60 17.40
N PRO B 112 20.04 16.92 17.57
CA PRO B 112 21.18 17.66 17.02
C PRO B 112 22.54 17.17 17.50
N SER B 113 22.60 16.47 18.63
CA SER B 113 23.84 15.87 19.08
C SER B 113 24.10 14.50 18.47
N GLY B 114 23.06 13.83 17.98
CA GLY B 114 23.16 12.44 17.59
C GLY B 114 23.13 11.45 18.73
N ASN B 115 22.97 11.91 19.96
CA ASN B 115 22.95 10.99 21.10
C ASN B 115 21.63 10.23 21.19
N TYR B 116 20.52 10.89 20.91
CA TYR B 116 19.20 10.32 21.18
C TYR B 116 18.37 10.29 19.90
N VAL B 117 17.56 9.25 19.76
CA VAL B 117 16.60 9.12 18.68
C VAL B 117 15.21 8.97 19.29
N ALA B 118 14.22 9.55 18.63
CA ALA B 118 12.84 9.57 19.11
C ALA B 118 11.97 8.82 18.12
N CYS B 119 10.91 8.20 18.63
CA CYS B 119 9.92 7.58 17.78
C CYS B 119 8.61 7.49 18.53
N GLY B 120 7.53 7.33 17.77
CA GLY B 120 6.22 7.19 18.34
C GLY B 120 5.21 6.90 17.25
N GLY B 121 3.99 6.63 17.67
CA GLY B 121 2.91 6.42 16.73
C GLY B 121 1.58 6.22 17.42
N LEU B 122 0.85 5.17 17.06
CA LEU B 122 -0.47 5.00 17.63
C LEU B 122 -0.43 4.57 19.10
N ASP B 123 0.75 4.42 19.68
CA ASP B 123 0.86 4.09 21.10
C ASP B 123 0.62 5.28 22.01
N ASN B 124 0.38 6.47 21.46
CA ASN B 124 0.24 7.71 22.21
C ASN B 124 1.47 8.02 23.07
N ILE B 125 2.63 7.46 22.71
CA ILE B 125 3.84 7.61 23.50
C ILE B 125 4.94 8.11 22.58
N CYS B 126 5.77 9.01 23.09
CA CYS B 126 7.06 9.34 22.47
C CYS B 126 8.17 8.60 23.20
N SER B 127 8.91 7.77 22.46
CA SER B 127 9.96 6.94 23.01
C SER B 127 11.31 7.57 22.71
N ILE B 128 12.08 7.87 23.74
CA ILE B 128 13.38 8.51 23.59
C ILE B 128 14.46 7.46 23.83
N TYR B 129 15.15 7.08 22.76
CA TYR B 129 16.20 6.07 22.80
C TYR B 129 17.57 6.71 22.92
N ASN B 130 18.43 6.12 23.73
CA ASN B 130 19.81 6.56 23.85
C ASN B 130 20.69 5.68 22.98
N LEU B 131 21.35 6.27 21.99
CA LEU B 131 22.23 5.54 21.10
C LEU B 131 23.67 5.44 21.59
N LYS B 132 24.09 6.28 22.52
CA LYS B 132 25.49 6.36 22.93
C LYS B 132 25.74 5.85 24.34
N THR B 133 24.83 5.04 24.90
CA THR B 133 25.06 4.43 26.19
C THR B 133 26.23 3.46 26.13
N ARG B 134 26.99 3.38 27.22
CA ARG B 134 28.21 2.59 27.26
C ARG B 134 27.96 1.09 27.20
N GLU B 135 26.73 0.64 27.47
CA GLU B 135 26.44 -0.79 27.51
C GLU B 135 26.33 -1.43 26.13
N GLY B 136 26.35 -0.63 25.06
CA GLY B 136 26.31 -1.15 23.71
C GLY B 136 24.93 -1.50 23.19
N ASN B 137 23.98 -1.79 24.06
CA ASN B 137 22.58 -1.91 23.67
C ASN B 137 21.96 -0.52 23.49
N VAL B 138 20.75 -0.50 22.93
CA VAL B 138 19.93 0.71 22.87
C VAL B 138 18.67 0.46 23.68
N ARG B 139 18.41 1.33 24.65
CA ARG B 139 17.29 1.16 25.58
C ARG B 139 16.49 2.45 25.69
N VAL B 140 15.21 2.30 26.00
CA VAL B 140 14.28 3.43 26.06
C VAL B 140 14.61 4.27 27.29
N SER B 141 15.08 5.50 27.08
CA SER B 141 15.40 6.34 28.22
C SER B 141 14.15 6.95 28.85
N ARG B 142 13.15 7.29 28.04
CA ARG B 142 11.90 7.79 28.58
C ARG B 142 10.77 7.45 27.62
N GLU B 143 9.57 7.30 28.17
CA GLU B 143 8.34 7.15 27.37
C GLU B 143 7.39 8.27 27.77
N LEU B 144 7.35 9.33 26.95
CA LEU B 144 6.53 10.50 27.22
C LEU B 144 5.09 10.19 26.83
N ALA B 145 4.22 10.04 27.82
CA ALA B 145 2.98 9.29 27.65
C ALA B 145 1.72 10.12 27.89
N GLY B 146 1.83 11.41 28.15
CA GLY B 146 0.65 12.20 28.45
C GLY B 146 -0.19 12.61 27.26
N HIS B 147 0.12 12.15 26.06
CA HIS B 147 -0.71 12.42 24.90
C HIS B 147 -1.96 11.54 24.89
N THR B 148 -3.07 12.12 24.44
CA THR B 148 -4.34 11.43 24.33
C THR B 148 -4.67 11.06 22.88
N GLY B 149 -3.66 10.73 22.09
CA GLY B 149 -3.87 10.36 20.70
C GLY B 149 -2.53 10.11 20.04
N TYR B 150 -2.60 9.64 18.80
CA TYR B 150 -1.39 9.16 18.14
C TYR B 150 -0.38 10.27 17.93
N LEU B 151 0.89 9.94 18.09
CA LEU B 151 1.98 10.86 17.81
C LEU B 151 2.21 10.95 16.30
N SER B 152 2.01 12.12 15.73
CA SER B 152 2.24 12.32 14.32
C SER B 152 3.60 12.90 13.98
N CYS B 153 4.20 13.69 14.86
CA CYS B 153 5.55 14.19 14.58
C CYS B 153 6.29 14.47 15.88
N CYS B 154 7.61 14.43 15.79
CA CYS B 154 8.51 14.65 16.90
C CYS B 154 9.73 15.36 16.36
N ARG B 155 10.22 16.38 17.09
CA ARG B 155 11.40 17.11 16.66
C ARG B 155 12.14 17.61 17.88
N PHE B 156 13.45 17.35 17.94
CA PHE B 156 14.27 17.74 19.07
C PHE B 156 14.64 19.22 18.98
N LEU B 157 14.54 19.91 20.11
CA LEU B 157 15.10 21.25 20.25
C LEU B 157 16.49 21.21 20.84
N ASP B 158 16.73 20.22 21.69
CA ASP B 158 18.01 19.97 22.35
C ASP B 158 17.89 18.57 22.92
N ASP B 159 19.00 18.07 23.46
CA ASP B 159 18.95 16.77 24.11
C ASP B 159 17.94 16.72 25.24
N ASN B 160 17.61 17.87 25.84
CA ASN B 160 16.70 17.91 26.98
C ASN B 160 15.23 18.12 26.60
N GLN B 161 14.92 18.66 25.43
CA GLN B 161 13.57 19.09 25.13
C GLN B 161 13.12 18.59 23.77
N ILE B 162 11.90 18.07 23.70
CA ILE B 162 11.30 17.56 22.48
C ILE B 162 9.89 18.11 22.34
N VAL B 163 9.60 18.72 21.20
CA VAL B 163 8.23 19.07 20.83
C VAL B 163 7.61 17.90 20.07
N THR B 164 6.37 17.59 20.41
CA THR B 164 5.67 16.44 19.85
C THR B 164 4.30 16.86 19.37
N SER B 165 3.81 16.18 18.35
CA SER B 165 2.56 16.53 17.69
C SER B 165 1.70 15.28 17.61
N SER B 166 0.40 15.48 17.75
CA SER B 166 -0.53 14.47 18.22
C SER B 166 -1.73 14.41 17.28
N GLY B 167 -2.53 13.36 17.43
CA GLY B 167 -3.73 13.26 16.64
C GLY B 167 -4.88 13.73 17.49
N ASP B 168 -4.55 13.99 18.75
CA ASP B 168 -5.27 14.98 19.52
C ASP B 168 -4.89 16.36 18.99
N THR B 169 -5.75 17.34 19.24
CA THR B 169 -5.57 18.63 18.61
C THR B 169 -4.54 19.49 19.33
N THR B 170 -3.50 18.88 19.89
CA THR B 170 -2.56 19.60 20.73
C THR B 170 -1.14 19.11 20.46
N CYS B 171 -0.18 20.04 20.62
CA CYS B 171 1.23 19.73 20.69
C CYS B 171 1.73 19.97 22.12
N ALA B 172 2.87 19.39 22.44
CA ALA B 172 3.45 19.56 23.77
C ALA B 172 4.96 19.73 23.67
N LEU B 173 5.49 20.55 24.57
CA LEU B 173 6.93 20.69 24.77
C LEU B 173 7.31 19.85 25.98
N TRP B 174 7.96 18.71 25.73
CA TRP B 174 8.35 17.80 26.80
C TRP B 174 9.75 18.11 27.31
N ASP B 175 9.92 18.11 28.63
CA ASP B 175 11.23 18.03 29.25
C ASP B 175 11.50 16.56 29.56
N ILE B 176 12.49 15.97 28.88
CA ILE B 176 12.62 14.52 28.87
C ILE B 176 13.02 13.98 30.23
N GLU B 177 13.81 14.73 31.01
CA GLU B 177 14.17 14.26 32.35
C GLU B 177 12.98 14.31 33.29
N THR B 178 12.18 15.37 33.22
CA THR B 178 10.98 15.44 34.04
C THR B 178 9.95 14.43 33.59
N GLY B 179 9.87 14.16 32.29
CA GLY B 179 8.85 13.31 31.73
C GLY B 179 7.50 13.97 31.59
N GLN B 180 7.37 15.23 32.01
CA GLN B 180 6.12 15.95 31.97
C GLN B 180 6.14 16.97 30.84
N GLN B 181 4.96 17.24 30.28
CA GLN B 181 4.83 18.28 29.27
C GLN B 181 4.85 19.65 29.95
N THR B 182 5.89 20.43 29.65
CA THR B 182 6.04 21.76 30.24
C THR B 182 5.14 22.80 29.60
N THR B 183 4.65 22.56 28.38
CA THR B 183 3.61 23.40 27.80
C THR B 183 2.80 22.52 26.85
N THR B 184 1.51 22.82 26.74
CA THR B 184 0.59 22.08 25.87
C THR B 184 -0.04 23.06 24.89
N PHE B 185 0.65 23.27 23.77
CA PHE B 185 0.18 24.17 22.72
C PHE B 185 -1.18 23.73 22.19
N THR B 186 -2.22 24.50 22.47
CA THR B 186 -3.60 24.07 22.30
C THR B 186 -4.39 25.16 21.60
N GLY B 187 -5.18 24.77 20.61
CA GLY B 187 -5.92 25.74 19.82
C GLY B 187 -6.16 25.26 18.41
N HIS B 188 -5.47 24.20 18.02
CA HIS B 188 -5.80 23.51 16.78
C HIS B 188 -7.14 22.79 16.90
N THR B 189 -7.82 22.66 15.77
CA THR B 189 -9.16 22.07 15.73
C THR B 189 -9.16 20.71 15.06
N GLY B 190 -7.98 20.16 14.78
CA GLY B 190 -7.88 18.83 14.22
C GLY B 190 -6.50 18.27 14.45
N ASP B 191 -6.24 17.14 13.79
CA ASP B 191 -5.01 16.40 14.03
C ASP B 191 -3.79 17.18 13.55
N VAL B 192 -2.80 17.37 14.43
CA VAL B 192 -1.64 18.18 14.06
C VAL B 192 -0.60 17.29 13.40
N MET B 193 -0.88 16.92 12.14
CA MET B 193 -0.13 15.89 11.43
C MET B 193 1.37 16.15 11.39
N SER B 194 1.79 17.40 11.27
CA SER B 194 3.17 17.68 10.90
C SER B 194 3.72 18.85 11.71
N LEU B 195 5.03 18.85 11.87
CA LEU B 195 5.73 19.75 12.78
C LEU B 195 7.07 20.13 12.17
N SER B 196 7.44 21.40 12.25
CA SER B 196 8.77 21.83 11.84
C SER B 196 9.25 22.96 12.72
N LEU B 197 10.47 22.84 13.24
CA LEU B 197 11.08 23.86 14.08
C LEU B 197 11.77 24.93 13.24
N ALA B 198 11.72 26.17 13.73
CA ALA B 198 12.43 27.26 13.08
C ALA B 198 13.94 27.05 13.18
N PRO B 199 14.70 27.57 12.21
CA PRO B 199 16.15 27.42 12.25
C PRO B 199 16.79 28.02 13.51
N ASP B 200 16.15 29.00 14.14
CA ASP B 200 16.45 29.38 15.51
C ASP B 200 15.31 28.90 16.39
N THR B 201 15.62 28.05 17.37
CA THR B 201 14.60 27.25 18.03
C THR B 201 13.83 28.03 19.09
N ARG B 202 13.35 29.22 18.75
CA ARG B 202 12.40 29.92 19.60
C ARG B 202 10.96 29.84 19.08
N LEU B 203 10.77 29.45 17.83
CA LEU B 203 9.44 29.29 17.25
C LEU B 203 9.35 27.96 16.53
N PHE B 204 8.12 27.47 16.38
CA PHE B 204 7.87 26.39 15.44
C PHE B 204 6.48 26.58 14.83
N VAL B 205 6.27 25.91 13.71
CA VAL B 205 4.99 25.95 13.01
C VAL B 205 4.49 24.52 12.87
N SER B 206 3.20 24.32 13.14
CA SER B 206 2.58 23.01 13.07
C SER B 206 1.41 23.02 12.11
N GLY B 207 1.30 21.96 11.31
CA GLY B 207 0.30 21.87 10.26
C GLY B 207 -0.66 20.75 10.57
N ALA B 208 -1.96 21.04 10.41
CA ALA B 208 -2.99 20.22 11.00
C ALA B 208 -4.08 19.92 9.98
N CYS B 209 -4.94 18.97 10.34
CA CYS B 209 -6.08 18.59 9.52
C CYS B 209 -7.26 19.54 9.69
N ASP B 210 -6.99 20.83 9.72
CA ASP B 210 -8.02 21.86 9.66
C ASP B 210 -7.69 22.90 8.59
N ALA B 211 -6.81 22.55 7.66
CA ALA B 211 -6.29 23.43 6.61
C ALA B 211 -5.51 24.61 7.16
N SER B 212 -5.32 24.68 8.47
CA SER B 212 -4.53 25.75 9.06
C SER B 212 -3.14 25.26 9.43
N ALA B 213 -2.18 26.17 9.39
CA ALA B 213 -0.90 26.04 10.07
C ALA B 213 -0.76 27.18 11.06
N LYS B 214 -0.22 26.89 12.22
CA LYS B 214 -0.12 27.86 13.30
C LYS B 214 1.32 27.95 13.78
N LEU B 215 1.76 29.18 14.05
CA LEU B 215 3.11 29.44 14.53
C LEU B 215 3.08 29.60 16.04
N TRP B 216 3.82 28.75 16.75
CA TRP B 216 3.77 28.65 18.19
C TRP B 216 5.06 29.13 18.80
N ASP B 217 4.95 29.93 19.86
CA ASP B 217 6.10 30.39 20.62
C ASP B 217 6.44 29.36 21.69
N VAL B 218 7.62 28.75 21.57
CA VAL B 218 8.00 27.65 22.48
C VAL B 218 8.12 28.15 23.91
N ARG B 219 8.51 29.40 24.11
CA ARG B 219 8.69 29.90 25.46
C ARG B 219 7.39 30.48 26.04
N GLU B 220 6.56 31.12 25.23
CA GLU B 220 5.32 31.70 25.72
C GLU B 220 4.14 30.74 25.65
N GLY B 221 4.17 29.78 24.74
CA GLY B 221 3.06 28.85 24.57
C GLY B 221 1.85 29.39 23.85
N MET B 222 1.77 30.70 23.63
CA MET B 222 0.70 31.29 22.85
C MET B 222 0.83 30.92 21.38
N CYS B 223 -0.31 30.89 20.68
CA CYS B 223 -0.35 30.82 19.23
C CYS B 223 -0.14 32.20 18.64
N ARG B 224 0.95 32.39 17.91
CA ARG B 224 1.27 33.71 17.36
C ARG B 224 0.43 34.05 16.13
N GLN B 225 0.31 33.13 15.19
CA GLN B 225 -0.36 33.41 13.93
C GLN B 225 -1.00 32.14 13.39
N THR B 226 -2.13 32.31 12.71
CA THR B 226 -2.83 31.23 12.04
C THR B 226 -2.86 31.50 10.55
N PHE B 227 -2.34 30.57 9.76
CA PHE B 227 -2.34 30.67 8.31
C PHE B 227 -3.34 29.66 7.75
N THR B 228 -4.20 30.11 6.84
CA THR B 228 -5.51 29.49 6.66
C THR B 228 -5.81 29.16 5.20
N GLY B 229 -4.86 29.32 4.29
CA GLY B 229 -5.18 29.30 2.88
C GLY B 229 -5.51 27.93 2.32
N HIS B 230 -5.07 26.86 2.95
CA HIS B 230 -5.22 25.53 2.38
C HIS B 230 -6.68 25.13 2.30
N GLU B 231 -6.98 24.22 1.35
CA GLU B 231 -8.30 23.64 1.22
C GLU B 231 -8.51 22.37 2.04
N SER B 232 -7.45 21.70 2.48
CA SER B 232 -7.59 20.36 3.03
C SER B 232 -6.47 20.11 4.03
N ASP B 233 -6.40 18.88 4.52
CA ASP B 233 -5.45 18.50 5.56
C ASP B 233 -4.02 18.83 5.18
N ILE B 234 -3.32 19.52 6.07
CA ILE B 234 -1.90 19.81 5.91
C ILE B 234 -1.12 18.62 6.45
N ASN B 235 -0.59 17.80 5.53
CA ASN B 235 0.17 16.63 5.93
C ASN B 235 1.64 16.92 6.24
N ALA B 236 2.17 18.05 5.80
CA ALA B 236 3.61 18.27 5.88
C ALA B 236 3.89 19.76 6.05
N ILE B 237 4.96 20.07 6.76
CA ILE B 237 5.32 21.46 6.99
C ILE B 237 6.84 21.55 7.14
N CYS B 238 7.42 22.63 6.63
CA CYS B 238 8.87 22.83 6.70
C CYS B 238 9.18 24.31 6.67
N PHE B 239 10.05 24.75 7.58
CA PHE B 239 10.55 26.13 7.53
C PHE B 239 11.47 26.35 6.34
N PHE B 240 11.31 27.52 5.73
CA PHE B 240 12.33 28.04 4.83
C PHE B 240 13.57 28.41 5.65
N PRO B 241 14.78 28.08 5.17
CA PRO B 241 15.96 28.14 6.05
C PRO B 241 16.27 29.53 6.59
N ASN B 242 15.52 30.54 6.17
CA ASN B 242 15.66 31.88 6.73
C ASN B 242 15.00 32.00 8.09
N GLY B 243 14.01 31.17 8.38
CA GLY B 243 13.18 31.30 9.56
C GLY B 243 12.05 32.30 9.41
N ASN B 244 11.87 32.87 8.23
CA ASN B 244 10.83 33.85 7.97
C ASN B 244 9.72 33.34 7.07
N ALA B 245 9.86 32.16 6.49
CA ALA B 245 8.79 31.56 5.70
C ALA B 245 8.74 30.07 5.95
N PHE B 246 7.59 29.47 5.63
CA PHE B 246 7.43 28.03 5.71
C PHE B 246 6.52 27.56 4.58
N ALA B 247 6.63 26.28 4.26
CA ALA B 247 5.84 25.65 3.22
C ALA B 247 4.98 24.54 3.80
N THR B 248 3.81 24.34 3.20
CA THR B 248 2.84 23.38 3.69
C THR B 248 2.32 22.54 2.53
N GLY B 249 2.25 21.23 2.73
CA GLY B 249 1.69 20.32 1.76
C GLY B 249 0.35 19.81 2.23
N SER B 250 -0.56 19.57 1.29
CA SER B 250 -1.93 19.23 1.65
C SER B 250 -2.49 18.20 0.68
N ASP B 251 -3.55 17.54 1.13
CA ASP B 251 -4.34 16.66 0.27
C ASP B 251 -5.00 17.40 -0.88
N ASP B 252 -5.04 18.73 -0.85
CA ASP B 252 -5.54 19.51 -1.98
C ASP B 252 -4.62 19.49 -3.19
N ALA B 253 -3.57 18.66 -3.15
CA ALA B 253 -2.59 18.53 -4.22
C ALA B 253 -1.80 19.81 -4.46
N THR B 254 -1.73 20.69 -3.47
CA THR B 254 -0.93 21.90 -3.55
C THR B 254 0.07 21.94 -2.41
N CYS B 255 1.25 22.49 -2.71
CA CYS B 255 2.10 23.11 -1.71
C CYS B 255 1.84 24.61 -1.71
N ARG B 256 2.09 25.25 -0.57
CA ARG B 256 1.97 26.68 -0.48
C ARG B 256 3.11 27.24 0.37
N LEU B 257 3.62 28.39 -0.02
CA LEU B 257 4.65 29.09 0.73
C LEU B 257 4.00 30.24 1.48
N PHE B 258 4.16 30.26 2.80
CA PHE B 258 3.63 31.30 3.67
C PHE B 258 4.79 32.10 4.25
N ASP B 259 4.64 33.42 4.29
CA ASP B 259 5.63 34.28 4.93
C ASP B 259 5.06 34.82 6.23
N LEU B 260 5.83 34.66 7.30
CA LEU B 260 5.32 34.97 8.64
C LEU B 260 5.04 36.46 8.78
N ARG B 261 5.89 37.29 8.20
CA ARG B 261 5.77 38.73 8.38
C ARG B 261 4.78 39.34 7.40
N ALA B 262 4.62 38.75 6.21
CA ALA B 262 3.50 39.12 5.35
C ALA B 262 2.19 38.54 5.87
N ASP B 263 2.26 37.56 6.76
CA ASP B 263 1.10 36.91 7.36
C ASP B 263 0.18 36.24 6.33
N GLN B 264 0.71 35.86 5.17
CA GLN B 264 -0.18 35.42 4.10
C GLN B 264 0.56 34.50 3.15
N GLU B 265 -0.23 33.82 2.32
CA GLU B 265 0.29 32.92 1.30
C GLU B 265 0.95 33.70 0.18
N LEU B 266 2.26 33.47 -0.02
CA LEU B 266 2.98 34.14 -1.09
C LEU B 266 2.91 33.40 -2.41
N MET B 267 2.85 32.07 -2.40
CA MET B 267 2.81 31.31 -3.64
C MET B 267 2.03 30.02 -3.44
N THR B 268 1.39 29.57 -4.51
CA THR B 268 0.80 28.23 -4.58
C THR B 268 1.55 27.42 -5.62
N TYR B 269 2.08 26.27 -5.21
CA TYR B 269 2.69 25.32 -6.13
C TYR B 269 1.66 24.24 -6.45
N SER B 270 1.22 24.21 -7.69
CA SER B 270 0.33 23.15 -8.16
C SER B 270 0.57 22.93 -9.64
N HIS B 271 0.26 21.72 -10.10
CA HIS B 271 0.17 21.45 -11.52
C HIS B 271 -1.09 20.64 -11.76
N ASP B 272 -1.77 20.89 -12.88
CA ASP B 272 -3.12 20.38 -13.07
C ASP B 272 -3.15 18.86 -13.23
N ASN B 273 -2.02 18.23 -13.56
CA ASN B 273 -1.97 16.78 -13.63
C ASN B 273 -1.66 16.13 -12.29
N ILE B 274 -1.37 16.91 -11.25
CA ILE B 274 -1.22 16.39 -9.89
C ILE B 274 -2.58 16.39 -9.22
N ILE B 275 -3.14 15.21 -9.01
CA ILE B 275 -4.31 15.05 -8.15
C ILE B 275 -3.94 14.46 -6.79
N CYS B 276 -2.71 14.00 -6.62
CA CYS B 276 -2.28 13.31 -5.40
C CYS B 276 -1.83 14.31 -4.34
N GLY B 277 -2.10 13.96 -3.08
CA GLY B 277 -1.74 14.81 -1.98
C GLY B 277 -0.25 14.82 -1.70
N ILE B 278 0.19 15.87 -1.01
CA ILE B 278 1.59 16.03 -0.65
C ILE B 278 1.83 15.38 0.71
N THR B 279 2.91 14.62 0.81
CA THR B 279 3.23 13.86 2.01
C THR B 279 4.45 14.35 2.74
N SER B 280 5.33 15.11 2.08
CA SER B 280 6.48 15.70 2.74
C SER B 280 6.89 16.94 1.95
N VAL B 281 7.44 17.92 2.67
CA VAL B 281 8.00 19.12 2.07
C VAL B 281 9.32 19.43 2.77
N SER B 282 10.35 19.75 1.99
CA SER B 282 11.62 20.20 2.54
C SER B 282 12.27 21.16 1.56
N PHE B 283 13.15 22.00 2.09
CA PHE B 283 13.87 23.00 1.31
C PHE B 283 15.35 22.65 1.21
N SER B 284 15.93 22.93 0.04
CA SER B 284 17.37 22.93 -0.13
C SER B 284 17.99 24.04 0.70
N LYS B 285 19.30 23.94 0.91
CA LYS B 285 19.96 24.83 1.86
C LYS B 285 19.85 26.30 1.45
N SER B 286 19.84 26.59 0.15
CA SER B 286 19.59 27.96 -0.29
C SER B 286 18.12 28.35 -0.11
N GLY B 287 17.24 27.37 0.08
CA GLY B 287 15.82 27.62 0.02
C GLY B 287 15.23 27.60 -1.38
N ARG B 288 16.06 27.70 -2.41
CA ARG B 288 15.56 27.93 -3.76
C ARG B 288 14.73 26.77 -4.28
N LEU B 289 15.02 25.55 -3.86
CA LEU B 289 14.28 24.38 -4.29
C LEU B 289 13.36 23.90 -3.17
N LEU B 290 12.08 23.72 -3.49
CA LEU B 290 11.13 23.05 -2.63
C LEU B 290 10.92 21.64 -3.12
N LEU B 291 11.20 20.66 -2.27
CA LEU B 291 11.03 19.25 -2.61
C LEU B 291 9.79 18.73 -1.92
N ALA B 292 8.83 18.24 -2.70
CA ALA B 292 7.57 17.74 -2.18
C ALA B 292 7.39 16.29 -2.57
N GLY B 293 7.04 15.46 -1.59
CA GLY B 293 6.70 14.07 -1.85
C GLY B 293 5.21 13.90 -2.07
N TYR B 294 4.85 12.96 -2.93
CA TYR B 294 3.48 12.82 -3.38
C TYR B 294 2.99 11.40 -3.24
N ASP B 295 1.65 11.26 -3.17
CA ASP B 295 1.02 9.96 -3.06
C ASP B 295 1.31 9.06 -4.26
N ASP B 296 1.45 9.63 -5.45
CA ASP B 296 1.73 8.82 -6.63
C ASP B 296 3.22 8.49 -6.74
N PHE B 297 3.82 8.06 -5.63
CA PHE B 297 5.15 7.45 -5.58
C PHE B 297 6.20 8.24 -6.35
N ASN B 298 6.03 9.55 -6.40
CA ASN B 298 6.99 10.45 -7.04
C ASN B 298 7.30 11.60 -6.08
N CYS B 299 8.44 12.24 -6.32
CA CYS B 299 8.71 13.55 -5.74
C CYS B 299 8.89 14.57 -6.87
N ASN B 300 8.40 15.77 -6.64
CA ASN B 300 8.57 16.88 -7.57
C ASN B 300 9.37 17.99 -6.89
N VAL B 301 10.30 18.58 -7.63
CA VAL B 301 11.16 19.64 -7.13
C VAL B 301 10.71 20.96 -7.73
N TRP B 302 10.50 21.96 -6.88
CA TRP B 302 9.88 23.21 -7.26
C TRP B 302 10.84 24.37 -7.03
N ASP B 303 10.85 25.32 -7.96
CA ASP B 303 11.50 26.60 -7.72
C ASP B 303 10.66 27.38 -6.71
N ALA B 304 11.17 27.47 -5.48
CA ALA B 304 10.44 28.18 -4.43
C ALA B 304 10.16 29.64 -4.77
N LEU B 305 11.00 30.27 -5.59
CA LEU B 305 10.79 31.65 -5.98
C LEU B 305 10.16 31.81 -7.36
N LYS B 306 9.77 30.73 -8.02
CA LYS B 306 9.11 30.83 -9.31
C LYS B 306 7.80 30.08 -9.43
N ALA B 307 7.50 29.17 -8.50
CA ALA B 307 6.36 28.27 -8.60
C ALA B 307 6.36 27.48 -9.91
N ASP B 308 7.53 26.93 -10.23
CA ASP B 308 7.72 26.21 -11.48
C ASP B 308 8.55 24.95 -11.21
N ARG B 309 8.25 23.90 -11.95
CA ARG B 309 8.88 22.61 -11.71
C ARG B 309 10.32 22.60 -12.19
N ALA B 310 11.11 21.72 -11.59
CA ALA B 310 12.53 21.63 -11.87
C ALA B 310 13.03 20.21 -12.08
N GLY B 311 12.32 19.21 -11.59
CA GLY B 311 12.78 17.84 -11.72
C GLY B 311 11.87 16.91 -10.96
N VAL B 312 12.05 15.62 -11.24
CA VAL B 312 11.23 14.57 -10.68
C VAL B 312 12.14 13.48 -10.14
N LEU B 313 11.91 13.06 -8.91
CA LEU B 313 12.58 11.90 -8.34
C LEU B 313 11.63 10.71 -8.50
N ALA B 314 11.83 9.94 -9.56
CA ALA B 314 10.99 8.78 -9.85
C ALA B 314 11.49 7.56 -9.09
N GLY B 315 11.00 6.39 -9.49
CA GLY B 315 11.56 5.13 -9.07
C GLY B 315 11.22 4.66 -7.68
N HIS B 316 10.22 5.26 -7.04
CA HIS B 316 9.56 4.62 -5.92
C HIS B 316 8.34 3.84 -6.39
N ASP B 317 8.07 2.73 -5.71
CA ASP B 317 6.95 1.86 -6.08
C ASP B 317 5.65 2.25 -5.40
N ASN B 318 5.70 3.02 -4.33
CA ASN B 318 4.55 3.29 -3.50
C ASN B 318 4.74 4.64 -2.82
N ARG B 319 3.70 5.11 -2.16
CA ARG B 319 3.63 6.42 -1.50
C ARG B 319 4.96 6.82 -0.88
N VAL B 320 5.47 7.97 -1.30
CA VAL B 320 6.59 8.59 -0.60
C VAL B 320 6.07 9.09 0.75
N SER B 321 6.69 8.63 1.83
CA SER B 321 6.23 8.95 3.17
C SER B 321 7.05 10.02 3.86
N CYS B 322 8.35 10.11 3.57
CA CYS B 322 9.22 11.05 4.24
C CYS B 322 10.26 11.57 3.25
N LEU B 323 10.61 12.85 3.41
CA LEU B 323 11.60 13.51 2.59
C LEU B 323 12.47 14.38 3.49
N GLY B 324 13.76 14.38 3.26
CA GLY B 324 14.67 15.14 4.09
C GLY B 324 15.94 15.57 3.38
N VAL B 325 16.31 16.82 3.52
CA VAL B 325 17.51 17.38 2.89
C VAL B 325 18.58 17.51 3.95
N THR B 326 19.78 17.05 3.64
CA THR B 326 20.88 17.09 4.59
C THR B 326 21.22 18.52 4.97
N ASP B 327 21.78 18.67 6.18
CA ASP B 327 22.13 20.01 6.66
C ASP B 327 23.28 20.61 5.88
N ASP B 328 24.17 19.78 5.33
CA ASP B 328 25.14 20.25 4.36
C ASP B 328 24.55 20.39 2.96
N GLY B 329 23.29 20.02 2.75
CA GLY B 329 22.65 20.16 1.47
C GLY B 329 23.07 19.14 0.43
N MET B 330 23.91 18.17 0.80
CA MET B 330 24.51 17.30 -0.20
C MET B 330 23.53 16.28 -0.76
N ALA B 331 22.54 15.82 0.01
CA ALA B 331 21.70 14.74 -0.48
C ALA B 331 20.28 14.87 0.03
N VAL B 332 19.34 14.30 -0.73
CA VAL B 332 17.93 14.19 -0.35
C VAL B 332 17.59 12.73 -0.13
N ALA B 333 17.09 12.41 1.06
CA ALA B 333 16.51 11.10 1.31
C ALA B 333 15.02 11.09 1.03
N THR B 334 14.53 9.98 0.50
CA THR B 334 13.09 9.81 0.24
C THR B 334 12.71 8.39 0.63
N GLY B 335 11.97 8.25 1.73
CA GLY B 335 11.43 6.97 2.11
C GLY B 335 10.03 6.77 1.57
N SER B 336 9.67 5.50 1.37
CA SER B 336 8.40 5.18 0.74
C SER B 336 7.83 3.91 1.35
N TRP B 337 6.54 3.71 1.12
CA TRP B 337 5.89 2.45 1.45
C TRP B 337 6.45 1.27 0.67
N ASP B 338 7.37 1.51 -0.26
CA ASP B 338 8.12 0.42 -0.87
C ASP B 338 9.18 -0.16 0.05
N SER B 339 9.31 0.37 1.27
CA SER B 339 10.22 -0.10 2.33
C SER B 339 11.67 0.24 2.05
N PHE B 340 11.96 0.98 1.00
CA PHE B 340 13.32 1.41 0.69
C PHE B 340 13.46 2.90 0.94
N LEU B 341 14.55 3.30 1.57
CA LEU B 341 15.03 4.66 1.44
C LEU B 341 15.90 4.77 0.20
N LYS B 342 15.70 5.84 -0.56
CA LYS B 342 16.57 6.18 -1.67
C LYS B 342 17.17 7.56 -1.42
N ILE B 343 18.49 7.63 -1.50
CA ILE B 343 19.22 8.87 -1.26
C ILE B 343 19.64 9.46 -2.61
N TRP B 344 19.33 10.73 -2.81
CA TRP B 344 19.45 11.41 -4.09
C TRP B 344 20.42 12.57 -3.95
N ASN B 345 21.12 12.88 -5.05
CA ASN B 345 22.17 13.89 -4.99
C ASN B 345 22.45 14.49 -6.36
N GLN C 3 -10.59 31.27 4.39
CA GLN C 3 -10.49 29.91 4.92
C GLN C 3 -11.59 29.04 4.30
N VAL C 4 -11.43 27.72 4.37
CA VAL C 4 -12.53 26.82 4.05
C VAL C 4 -13.71 27.15 4.93
N GLN C 5 -14.81 27.58 4.31
CA GLN C 5 -15.94 28.07 5.07
C GLN C 5 -17.23 27.50 4.49
N LEU C 6 -18.11 27.08 5.39
CA LEU C 6 -19.45 26.60 5.04
C LEU C 6 -20.45 27.32 5.94
N GLN C 7 -21.48 27.91 5.34
CA GLN C 7 -22.52 28.58 6.10
C GLN C 7 -23.88 28.13 5.60
N GLU C 8 -24.63 27.44 6.45
CA GLU C 8 -25.96 26.93 6.13
C GLU C 8 -27.02 28.01 6.33
N SER C 9 -28.19 27.76 5.73
CA SER C 9 -29.35 28.61 5.89
C SER C 9 -30.60 27.74 5.78
N GLY C 10 -31.68 28.20 6.42
CA GLY C 10 -32.92 27.44 6.38
C GLY C 10 -33.75 27.56 7.65
N GLY C 11 -35.07 27.55 7.50
CA GLY C 11 -35.98 28.03 8.53
C GLY C 11 -35.92 27.31 9.86
N GLY C 12 -35.76 28.08 10.93
CA GLY C 12 -35.67 27.52 12.27
C GLY C 12 -36.93 26.79 12.72
N LEU C 13 -38.09 27.20 12.21
CA LEU C 13 -39.35 26.63 12.66
C LEU C 13 -40.28 26.38 11.49
N VAL C 14 -41.00 25.26 11.54
CA VAL C 14 -41.90 24.86 10.47
C VAL C 14 -42.98 23.96 11.06
N GLN C 15 -44.14 23.95 10.43
CA GLN C 15 -45.22 23.07 10.84
C GLN C 15 -44.88 21.62 10.46
N PRO C 16 -45.42 20.65 11.19
CA PRO C 16 -45.39 19.27 10.69
C PRO C 16 -46.05 19.14 9.33
N GLY C 17 -45.51 18.25 8.50
CA GLY C 17 -45.95 18.10 7.13
C GLY C 17 -45.52 19.21 6.21
N GLY C 18 -44.78 20.20 6.69
CA GLY C 18 -44.37 21.31 5.87
C GLY C 18 -43.23 20.95 4.94
N SER C 19 -42.93 21.88 4.03
CA SER C 19 -41.78 21.77 3.17
C SER C 19 -40.80 22.89 3.45
N LEU C 20 -39.52 22.62 3.21
CA LEU C 20 -38.47 23.59 3.48
C LEU C 20 -37.28 23.30 2.55
N ARG C 21 -36.44 24.30 2.36
CA ARG C 21 -35.21 24.17 1.60
C ARG C 21 -34.05 24.75 2.38
N LEU C 22 -33.01 23.94 2.58
CA LEU C 22 -31.74 24.45 3.09
C LEU C 22 -30.79 24.76 1.95
N SER C 23 -29.93 25.76 2.18
CA SER C 23 -28.85 26.07 1.28
C SER C 23 -27.59 26.36 2.08
N CYS C 24 -26.43 25.94 1.56
CA CYS C 24 -25.15 26.23 2.17
C CYS C 24 -24.25 26.93 1.15
N ALA C 25 -23.72 28.08 1.54
CA ALA C 25 -22.72 28.78 0.74
C ALA C 25 -21.34 28.24 1.09
N ALA C 26 -20.66 27.65 0.10
CA ALA C 26 -19.30 27.18 0.26
C ALA C 26 -18.32 28.23 -0.22
N SER C 27 -17.19 28.32 0.47
CA SER C 27 -16.14 29.25 0.08
C SER C 27 -14.79 28.68 0.44
N GLY C 28 -13.77 29.14 -0.28
CA GLY C 28 -12.40 28.79 0.02
C GLY C 28 -11.94 27.43 -0.45
N PHE C 29 -12.75 26.69 -1.18
CA PHE C 29 -12.30 25.42 -1.76
C PHE C 29 -12.94 25.21 -3.12
N THR C 30 -12.28 24.37 -3.92
CA THR C 30 -12.71 24.08 -5.29
C THR C 30 -13.90 23.13 -5.22
N PHE C 31 -15.09 23.74 -5.15
CA PHE C 31 -16.32 23.00 -4.84
C PHE C 31 -16.51 21.80 -5.74
N SER C 32 -16.20 21.94 -7.03
CA SER C 32 -16.36 20.85 -7.98
C SER C 32 -15.54 19.62 -7.64
N ASN C 33 -14.51 19.74 -6.78
CA ASN C 33 -13.64 18.62 -6.51
C ASN C 33 -14.09 17.74 -5.34
N TYR C 34 -15.02 18.22 -4.51
CA TYR C 34 -15.34 17.56 -3.24
C TYR C 34 -16.79 17.10 -3.25
N LYS C 35 -17.02 15.87 -2.81
CA LYS C 35 -18.37 15.45 -2.51
C LYS C 35 -18.88 16.18 -1.27
N MET C 36 -20.18 16.43 -1.24
CA MET C 36 -20.78 17.14 -0.13
C MET C 36 -21.76 16.23 0.58
N ASN C 37 -21.79 16.34 1.91
CA ASN C 37 -22.71 15.57 2.75
C ASN C 37 -23.55 16.52 3.56
N TRP C 38 -24.77 16.10 3.87
CA TRP C 38 -25.53 16.70 4.96
C TRP C 38 -25.53 15.81 6.19
N VAL C 39 -25.37 16.42 7.35
CA VAL C 39 -25.40 15.75 8.63
C VAL C 39 -26.36 16.51 9.53
N ARG C 40 -26.98 15.82 10.49
CA ARG C 40 -27.86 16.48 11.43
C ARG C 40 -27.58 15.98 12.84
N GLN C 41 -27.97 16.79 13.82
CA GLN C 41 -27.82 16.46 15.24
C GLN C 41 -29.14 16.72 15.94
N ALA C 42 -29.88 15.65 16.24
CA ALA C 42 -31.09 15.77 17.01
C ALA C 42 -30.76 16.13 18.46
N PRO C 43 -31.68 16.78 19.17
CA PRO C 43 -31.38 17.22 20.54
C PRO C 43 -31.03 16.05 21.44
N GLY C 44 -29.83 16.09 21.99
CA GLY C 44 -29.41 15.08 22.94
C GLY C 44 -28.95 13.78 22.33
N LYS C 45 -28.61 13.78 21.05
CA LYS C 45 -28.16 12.59 20.35
C LYS C 45 -26.93 12.93 19.52
N GLY C 46 -26.24 11.88 19.08
CA GLY C 46 -25.11 12.06 18.18
C GLY C 46 -25.52 12.53 16.79
N LEU C 47 -24.51 12.94 16.04
CA LEU C 47 -24.70 13.31 14.64
C LEU C 47 -25.03 12.08 13.81
N GLU C 48 -25.91 12.26 12.83
CA GLU C 48 -26.20 11.21 11.87
C GLU C 48 -26.16 11.75 10.46
N TRP C 49 -25.70 10.90 9.54
CA TRP C 49 -25.63 11.25 8.13
C TRP C 49 -27.02 11.28 7.51
N VAL C 50 -27.31 12.33 6.76
CA VAL C 50 -28.64 12.55 6.17
C VAL C 50 -28.63 12.27 4.67
N SER C 51 -27.69 12.86 3.93
CA SER C 51 -27.62 12.64 2.50
C SER C 51 -26.21 12.91 2.03
N ASP C 52 -25.89 12.40 0.85
CA ASP C 52 -24.63 12.71 0.21
C ASP C 52 -24.81 12.93 -1.29
N ILE C 53 -23.83 13.60 -1.89
CA ILE C 53 -23.85 13.93 -3.30
C ILE C 53 -22.43 13.87 -3.83
N SER C 54 -22.23 13.16 -4.93
CA SER C 54 -20.90 13.02 -5.51
C SER C 54 -20.45 14.33 -6.17
N GLN C 55 -19.22 14.31 -6.70
CA GLN C 55 -18.62 15.51 -7.27
C GLN C 55 -19.50 16.17 -8.31
N SER C 56 -20.06 15.38 -9.21
CA SER C 56 -20.87 15.89 -10.31
C SER C 56 -22.35 16.00 -9.96
N GLY C 57 -22.76 15.48 -8.81
CA GLY C 57 -24.17 15.30 -8.55
C GLY C 57 -24.75 14.07 -9.18
N ALA C 58 -23.92 13.11 -9.56
CA ALA C 58 -24.41 11.84 -10.10
C ALA C 58 -24.77 10.88 -8.97
N SER C 59 -23.77 10.40 -8.24
CA SER C 59 -24.01 9.48 -7.15
C SER C 59 -24.65 10.20 -5.97
N ILE C 60 -25.83 9.75 -5.59
CA ILE C 60 -26.61 10.35 -4.52
C ILE C 60 -27.17 9.23 -3.66
N SER C 61 -27.23 9.45 -2.35
CA SER C 61 -27.85 8.50 -1.45
C SER C 61 -28.44 9.24 -0.26
N TYR C 62 -29.23 8.52 0.53
CA TYR C 62 -29.90 9.09 1.67
C TYR C 62 -29.96 8.09 2.81
N THR C 63 -30.02 8.60 4.04
CA THR C 63 -30.45 7.79 5.17
C THR C 63 -31.92 7.43 5.02
N GLY C 64 -32.28 6.23 5.50
CA GLY C 64 -33.54 5.64 5.10
C GLY C 64 -34.75 6.41 5.55
N SER C 65 -34.69 7.05 6.72
CA SER C 65 -35.80 7.87 7.19
C SER C 65 -36.00 9.12 6.34
N VAL C 66 -35.09 9.35 5.39
CA VAL C 66 -35.07 10.57 4.59
C VAL C 66 -35.31 10.30 3.11
N LYS C 67 -35.08 9.08 2.63
CA LYS C 67 -35.25 8.74 1.22
C LYS C 67 -36.63 9.14 0.70
N GLY C 68 -36.62 9.89 -0.40
CA GLY C 68 -37.83 10.42 -0.99
C GLY C 68 -38.44 11.62 -0.30
N ARG C 69 -38.27 11.73 1.02
CA ARG C 69 -38.76 12.91 1.71
C ARG C 69 -37.87 14.12 1.45
N PHE C 70 -36.55 13.93 1.42
CA PHE C 70 -35.62 14.97 0.99
C PHE C 70 -35.16 14.72 -0.44
N THR C 71 -34.54 15.76 -1.02
CA THR C 71 -33.89 15.65 -2.32
C THR C 71 -32.68 16.57 -2.34
N ILE C 72 -31.51 16.01 -2.58
CA ILE C 72 -30.24 16.74 -2.52
C ILE C 72 -29.87 17.18 -3.93
N SER C 73 -29.28 18.38 -4.03
CA SER C 73 -28.71 18.84 -5.29
C SER C 73 -27.59 19.82 -4.98
N ARG C 74 -26.70 20.00 -5.95
CA ARG C 74 -25.56 20.89 -5.80
C ARG C 74 -25.41 21.75 -7.05
N ASP C 75 -25.07 23.02 -6.84
CA ASP C 75 -24.87 23.99 -7.91
C ASP C 75 -23.38 24.29 -7.99
N ASN C 76 -22.68 23.56 -8.87
CA ASN C 76 -21.25 23.76 -9.01
C ASN C 76 -20.89 25.14 -9.55
N ALA C 77 -21.85 25.89 -10.07
CA ALA C 77 -21.56 27.23 -10.58
C ALA C 77 -21.44 28.28 -9.48
N LYS C 78 -22.05 28.07 -8.32
CA LYS C 78 -22.07 29.09 -7.29
C LYS C 78 -21.69 28.53 -5.92
N ASN C 79 -20.93 27.44 -5.91
CA ASN C 79 -20.45 26.82 -4.66
C ASN C 79 -21.58 26.69 -3.64
N THR C 80 -22.72 26.19 -4.09
CA THR C 80 -23.92 26.14 -3.27
C THR C 80 -24.44 24.71 -3.22
N LEU C 81 -24.70 24.22 -2.01
CA LEU C 81 -25.31 22.92 -1.78
C LEU C 81 -26.73 23.10 -1.26
N TYR C 82 -27.65 22.28 -1.77
CA TYR C 82 -29.05 22.34 -1.38
C TYR C 82 -29.50 21.01 -0.77
N LEU C 83 -30.43 21.09 0.17
CA LEU C 83 -31.18 19.92 0.63
C LEU C 83 -32.66 20.28 0.69
N GLN C 84 -33.41 19.84 -0.30
CA GLN C 84 -34.86 20.03 -0.30
C GLN C 84 -35.52 19.12 0.72
N MET C 85 -36.52 19.64 1.42
CA MET C 85 -37.26 18.87 2.41
C MET C 85 -38.74 18.90 2.08
N ASN C 86 -39.38 17.74 2.13
CA ASN C 86 -40.83 17.63 2.08
C ASN C 86 -41.33 16.86 3.29
N SER C 87 -42.58 17.12 3.65
CA SER C 87 -43.29 16.36 4.68
C SER C 87 -42.44 16.18 5.94
N LEU C 88 -41.88 17.28 6.40
CA LEU C 88 -41.00 17.24 7.56
C LEU C 88 -41.73 16.68 8.77
N LYS C 89 -41.19 15.62 9.34
CA LYS C 89 -41.75 14.93 10.49
C LYS C 89 -41.15 15.46 11.78
N PRO C 90 -41.76 15.18 12.92
CA PRO C 90 -41.19 15.66 14.20
C PRO C 90 -39.76 15.19 14.41
N GLU C 91 -39.42 13.98 13.98
CA GLU C 91 -38.08 13.45 14.18
C GLU C 91 -37.02 14.23 13.43
N ASP C 92 -37.40 14.99 12.41
CA ASP C 92 -36.45 15.82 11.67
C ASP C 92 -36.10 17.12 12.39
N THR C 93 -36.68 17.39 13.55
CA THR C 93 -36.24 18.51 14.37
C THR C 93 -34.80 18.32 14.82
N ALA C 94 -33.89 19.11 14.26
CA ALA C 94 -32.47 18.98 14.55
C ALA C 94 -31.76 20.23 14.06
N VAL C 95 -30.54 20.42 14.55
CA VAL C 95 -29.57 21.26 13.84
C VAL C 95 -29.02 20.45 12.67
N TYR C 96 -29.04 21.05 11.49
CA TYR C 96 -28.52 20.40 10.29
C TYR C 96 -27.19 21.04 9.91
N TYR C 97 -26.17 20.22 9.75
CA TYR C 97 -24.83 20.68 9.42
C TYR C 97 -24.49 20.27 7.99
N CYS C 98 -23.96 21.20 7.23
CA CYS C 98 -23.32 20.89 5.96
C CYS C 98 -21.90 20.42 6.20
N ALA C 99 -21.52 19.31 5.56
CA ALA C 99 -20.22 18.71 5.80
C ALA C 99 -19.55 18.34 4.48
N ARG C 100 -18.25 18.62 4.39
CA ARG C 100 -17.48 18.38 3.18
C ARG C 100 -16.55 17.20 3.40
N CYS C 101 -16.35 16.41 2.35
CA CYS C 101 -15.34 15.37 2.41
C CYS C 101 -13.98 15.99 2.73
N PRO C 102 -13.15 15.33 3.53
CA PRO C 102 -11.85 15.90 3.85
C PRO C 102 -10.89 16.00 2.69
N ALA C 103 -11.07 15.24 1.62
CA ALA C 103 -10.06 15.16 0.59
C ALA C 103 -10.69 15.23 -0.80
N PRO C 104 -10.13 16.04 -1.70
CA PRO C 104 -10.68 16.11 -3.05
C PRO C 104 -10.51 14.82 -3.83
N PHE C 105 -11.41 14.62 -4.79
CA PHE C 105 -11.39 13.50 -5.73
C PHE C 105 -11.58 12.13 -5.09
N THR C 106 -11.66 12.07 -3.76
CA THR C 106 -11.86 10.79 -3.10
C THR C 106 -13.32 10.39 -3.08
N ARG C 107 -13.56 9.09 -2.85
CA ARG C 107 -14.89 8.54 -2.71
C ARG C 107 -15.32 8.33 -1.26
N ASP C 108 -14.36 8.19 -0.34
CA ASP C 108 -14.61 7.97 1.06
C ASP C 108 -14.78 9.28 1.82
N CYS C 109 -15.32 9.19 3.04
CA CYS C 109 -15.37 10.31 3.95
C CYS C 109 -15.45 9.78 5.39
N PHE C 110 -15.03 10.62 6.33
CA PHE C 110 -15.03 10.29 7.76
C PHE C 110 -15.48 11.48 8.61
N ASP C 111 -16.69 12.00 8.33
CA ASP C 111 -17.04 13.37 8.67
C ASP C 111 -18.13 13.52 9.72
N VAL C 112 -18.77 12.44 10.16
CA VAL C 112 -19.83 12.52 11.17
C VAL C 112 -19.28 12.86 12.55
N THR C 113 -17.95 12.97 12.69
CA THR C 113 -17.34 12.96 14.01
C THR C 113 -17.86 14.12 14.86
N SER C 114 -18.53 13.77 15.95
CA SER C 114 -19.13 14.75 16.84
C SER C 114 -18.09 15.60 17.56
N THR C 115 -18.51 16.82 17.90
CA THR C 115 -17.78 17.81 18.68
C THR C 115 -16.53 18.36 17.99
N THR C 116 -15.80 17.49 17.28
CA THR C 116 -14.64 17.93 16.52
C THR C 116 -14.83 17.53 15.07
N TYR C 117 -14.84 18.50 14.17
CA TYR C 117 -14.45 18.33 12.78
C TYR C 117 -14.29 19.70 12.14
N ALA C 118 -13.19 19.93 11.44
CA ALA C 118 -13.16 21.05 10.52
C ALA C 118 -14.15 20.78 9.38
N TYR C 119 -14.19 21.69 8.41
CA TYR C 119 -14.82 21.41 7.12
C TYR C 119 -16.30 21.11 7.26
N ARG C 120 -16.94 21.61 8.31
CA ARG C 120 -18.36 21.44 8.55
C ARG C 120 -18.92 22.72 9.13
N GLY C 121 -20.10 23.11 8.67
CA GLY C 121 -20.61 24.43 8.95
C GLY C 121 -21.15 24.58 10.36
N GLN C 122 -21.68 25.77 10.63
CA GLN C 122 -22.27 26.08 11.92
C GLN C 122 -23.71 25.60 12.06
N GLY C 123 -24.34 25.21 10.96
CA GLY C 123 -25.65 24.61 11.02
C GLY C 123 -26.82 25.57 11.06
N THR C 124 -27.96 25.15 10.53
CA THR C 124 -29.22 25.85 10.67
C THR C 124 -30.22 24.97 11.41
N GLN C 125 -30.98 25.58 12.31
CA GLN C 125 -32.00 24.86 13.05
C GLN C 125 -33.18 24.52 12.15
N VAL C 126 -33.77 23.35 12.40
CA VAL C 126 -35.13 23.04 11.97
C VAL C 126 -35.90 22.49 13.15
N THR C 127 -37.13 22.97 13.33
CA THR C 127 -37.94 22.58 14.47
C THR C 127 -39.38 22.41 14.03
N VAL C 128 -40.00 21.33 14.49
CA VAL C 128 -41.31 20.91 13.99
C VAL C 128 -42.29 20.72 15.13
N TYR D 1 8.92 -40.95 -24.44
CA TYR D 1 8.70 -39.50 -24.48
C TYR D 1 9.15 -38.91 -25.80
N ALA D 2 8.65 -37.70 -26.08
CA ALA D 2 8.73 -37.06 -27.40
C ALA D 2 10.08 -37.21 -28.08
N ASP D 3 11.16 -36.78 -27.42
CA ASP D 3 12.47 -36.83 -28.06
C ASP D 3 12.95 -38.26 -28.25
N ALA D 4 12.78 -39.11 -27.24
CA ALA D 4 13.28 -40.48 -27.37
C ALA D 4 12.45 -41.30 -28.33
N ILE D 5 11.16 -40.99 -28.46
CA ILE D 5 10.37 -41.68 -29.48
C ILE D 5 10.68 -41.14 -30.86
N PHE D 6 11.09 -39.88 -30.98
CA PHE D 6 11.58 -39.42 -32.27
C PHE D 6 12.92 -40.03 -32.63
N THR D 7 13.84 -40.17 -31.67
CA THR D 7 15.06 -40.90 -31.95
C THR D 7 14.77 -42.31 -32.42
N ASN D 8 13.87 -43.02 -31.73
CA ASN D 8 13.54 -44.38 -32.12
C ASN D 8 12.97 -44.44 -33.53
N SER D 9 11.90 -43.68 -33.79
CA SER D 9 11.23 -43.77 -35.09
C SER D 9 12.11 -43.26 -36.21
N TYR D 10 12.79 -42.14 -36.00
CA TYR D 10 13.65 -41.55 -37.02
C TYR D 10 14.82 -42.47 -37.36
N ARG D 11 15.53 -42.99 -36.35
CA ARG D 11 16.67 -43.83 -36.64
C ARG D 11 16.27 -45.20 -37.15
N LYS D 12 15.08 -45.70 -36.83
CA LYS D 12 14.62 -46.90 -37.53
C LYS D 12 14.29 -46.60 -38.99
N VAL D 13 13.76 -45.40 -39.27
CA VAL D 13 13.42 -45.06 -40.64
C VAL D 13 14.67 -44.86 -41.47
N LEU D 14 15.68 -44.20 -40.91
CA LEU D 14 16.97 -44.07 -41.60
C LEU D 14 17.62 -45.44 -41.77
N GLY D 15 17.49 -46.32 -40.76
CA GLY D 15 18.05 -47.65 -40.92
C GLY D 15 17.39 -48.39 -42.06
N GLN D 16 16.05 -48.28 -42.15
CA GLN D 16 15.33 -48.93 -43.24
C GLN D 16 15.79 -48.36 -44.56
N LEU D 17 16.00 -47.04 -44.62
CA LEU D 17 16.40 -46.43 -45.88
C LEU D 17 17.78 -46.93 -46.29
N SER D 18 18.68 -47.11 -45.31
CA SER D 18 20.04 -47.52 -45.61
C SER D 18 20.08 -48.87 -46.35
N ALA D 19 19.16 -49.77 -46.02
CA ALA D 19 19.18 -51.11 -46.58
C ALA D 19 18.91 -51.10 -48.08
N LEU E 55 10.48 -45.69 -46.15
CA LEU E 55 9.94 -45.28 -47.44
C LEU E 55 10.16 -43.79 -47.64
N ALA E 56 10.25 -43.39 -48.91
CA ALA E 56 10.51 -41.98 -49.23
C ALA E 56 9.39 -41.08 -48.72
N GLU E 57 8.13 -41.54 -48.81
CA GLU E 57 7.01 -40.72 -48.38
C GLU E 57 7.11 -40.39 -46.90
N GLU E 58 7.60 -41.33 -46.09
CA GLU E 58 7.70 -41.11 -44.65
C GLU E 58 8.68 -39.98 -44.37
N GLU E 59 9.78 -39.94 -45.11
CA GLU E 59 10.83 -38.97 -44.82
C GLU E 59 10.29 -37.55 -44.85
N SER E 60 9.32 -37.26 -45.73
CA SER E 60 8.75 -35.92 -45.76
C SER E 60 8.08 -35.60 -44.43
N TYR E 61 7.36 -36.58 -43.87
CA TYR E 61 6.73 -36.42 -42.57
C TYR E 61 7.75 -36.11 -41.49
N PHE E 62 8.89 -36.82 -41.53
CA PHE E 62 9.86 -36.59 -40.47
C PHE E 62 10.67 -35.33 -40.69
N SER E 63 10.97 -34.97 -41.94
CA SER E 63 11.56 -33.68 -42.22
C SER E 63 10.68 -32.55 -41.70
N THR E 64 9.39 -32.58 -42.05
CA THR E 64 8.46 -31.56 -41.58
C THR E 64 8.46 -31.44 -40.05
N VAL E 65 8.34 -32.58 -39.35
CA VAL E 65 8.28 -32.49 -37.91
C VAL E 65 9.62 -32.08 -37.30
N LYS E 66 10.76 -32.49 -37.87
CA LYS E 66 12.02 -32.04 -37.30
C LYS E 66 12.33 -30.59 -37.65
N ILE E 67 11.78 -30.09 -38.76
CA ILE E 67 11.86 -28.66 -39.06
C ILE E 67 11.10 -27.88 -37.99
N ILE E 68 9.89 -28.34 -37.67
CA ILE E 68 9.16 -27.72 -36.56
C ILE E 68 9.98 -27.82 -35.27
N TYR E 69 10.51 -29.01 -34.99
CA TYR E 69 11.33 -29.26 -33.80
C TYR E 69 12.52 -28.31 -33.70
N THR E 70 13.04 -27.85 -34.85
CA THR E 70 14.12 -26.89 -34.85
C THR E 70 13.61 -25.45 -34.69
N VAL E 71 12.76 -25.03 -35.62
CA VAL E 71 12.37 -23.62 -35.70
C VAL E 71 11.52 -23.21 -34.50
N GLY E 72 10.56 -24.04 -34.10
CA GLY E 72 9.77 -23.72 -32.93
C GLY E 72 10.57 -23.62 -31.66
N HIS E 73 11.54 -24.52 -31.47
CA HIS E 73 12.44 -24.38 -30.33
C HIS E 73 13.33 -23.14 -30.46
N SER E 74 13.64 -22.72 -31.69
CA SER E 74 14.36 -21.46 -31.86
C SER E 74 13.51 -20.27 -31.41
N ILE E 75 12.24 -20.25 -31.82
CA ILE E 75 11.31 -19.23 -31.35
C ILE E 75 11.22 -19.24 -29.83
N SER E 76 11.13 -20.45 -29.26
CA SER E 76 11.07 -20.59 -27.81
C SER E 76 12.30 -19.98 -27.14
N ILE E 77 13.49 -20.37 -27.59
CA ILE E 77 14.70 -19.90 -26.93
C ILE E 77 14.85 -18.39 -27.10
N VAL E 78 14.48 -17.85 -28.27
CA VAL E 78 14.69 -16.42 -28.48
C VAL E 78 13.73 -15.59 -27.65
N ALA E 79 12.45 -16.00 -27.57
CA ALA E 79 11.53 -15.27 -26.70
C ALA E 79 11.91 -15.45 -25.23
N LEU E 80 12.38 -16.63 -24.87
CA LEU E 80 12.58 -16.95 -23.47
C LEU E 80 13.85 -16.32 -22.91
N PHE E 81 14.92 -16.19 -23.71
CA PHE E 81 16.09 -15.48 -23.21
C PHE E 81 15.76 -14.04 -22.86
N VAL E 82 14.92 -13.40 -23.68
CA VAL E 82 14.37 -12.09 -23.33
C VAL E 82 13.58 -12.17 -22.03
N ALA E 83 12.70 -13.18 -21.91
CA ALA E 83 11.91 -13.34 -20.69
C ALA E 83 12.80 -13.46 -19.46
N ILE E 84 13.87 -14.25 -19.53
CA ILE E 84 14.78 -14.41 -18.40
C ILE E 84 15.46 -13.09 -18.07
N THR E 85 16.01 -12.42 -19.09
CA THR E 85 16.70 -11.17 -18.82
C THR E 85 15.76 -10.14 -18.21
N ILE E 86 14.49 -10.15 -18.61
CA ILE E 86 13.47 -9.34 -17.95
C ILE E 86 13.36 -9.72 -16.48
N LEU E 87 13.04 -10.98 -16.21
CA LEU E 87 12.73 -11.41 -14.86
C LEU E 87 13.93 -11.40 -13.93
N VAL E 88 15.14 -11.25 -14.44
CA VAL E 88 16.32 -11.16 -13.58
C VAL E 88 16.87 -9.73 -13.49
N ALA E 89 16.71 -8.91 -14.53
CA ALA E 89 17.28 -7.57 -14.50
C ALA E 89 16.45 -6.62 -13.63
N LEU E 90 15.14 -6.82 -13.58
CA LEU E 90 14.23 -5.87 -12.94
C LEU E 90 13.99 -6.31 -11.50
N ARG E 91 14.55 -5.55 -10.56
CA ARG E 91 14.64 -6.01 -9.18
C ARG E 91 13.28 -6.23 -8.54
N ARG E 92 12.28 -5.45 -8.93
CA ARG E 92 10.93 -5.64 -8.38
C ARG E 92 10.43 -7.06 -8.59
N LEU E 93 10.80 -7.69 -9.70
CA LEU E 93 10.30 -9.00 -10.04
C LEU E 93 11.01 -10.13 -9.32
N HIS E 94 12.07 -9.83 -8.57
CA HIS E 94 12.73 -10.83 -7.74
C HIS E 94 11.80 -11.25 -6.60
N CYS E 95 11.12 -12.37 -6.80
CA CYS E 95 10.33 -13.02 -5.78
C CYS E 95 10.36 -14.52 -6.04
N PRO E 96 10.04 -15.35 -5.04
CA PRO E 96 10.14 -16.80 -5.24
C PRO E 96 9.36 -17.31 -6.44
N ARG E 97 8.17 -16.76 -6.67
CA ARG E 97 7.37 -17.16 -7.84
C ARG E 97 8.16 -16.97 -9.13
N ASN E 98 8.74 -15.78 -9.32
CA ASN E 98 9.49 -15.54 -10.54
C ASN E 98 10.82 -16.27 -10.58
N TYR E 99 11.36 -16.67 -9.43
CA TYR E 99 12.50 -17.57 -9.46
C TYR E 99 12.10 -18.96 -9.99
N VAL E 100 10.98 -19.49 -9.53
CA VAL E 100 10.52 -20.78 -10.05
C VAL E 100 10.23 -20.69 -11.54
N HIS E 101 9.59 -19.60 -11.96
CA HIS E 101 9.36 -19.39 -13.39
C HIS E 101 10.67 -19.31 -14.16
N THR E 102 11.64 -18.55 -13.67
CA THR E 102 12.92 -18.41 -14.36
C THR E 102 13.63 -19.75 -14.48
N GLN E 103 13.63 -20.54 -13.41
CA GLN E 103 14.20 -21.88 -13.47
C GLN E 103 13.52 -22.73 -14.54
N LEU E 104 12.18 -22.72 -14.57
CA LEU E 104 11.48 -23.49 -15.59
C LEU E 104 11.88 -23.03 -16.99
N PHE E 105 11.97 -21.72 -17.19
CA PHE E 105 12.38 -21.18 -18.47
C PHE E 105 13.78 -21.65 -18.85
N THR E 106 14.70 -21.66 -17.89
CA THR E 106 16.02 -22.23 -18.15
C THR E 106 15.92 -23.69 -18.57
N THR E 107 14.98 -24.43 -17.98
CA THR E 107 14.83 -25.83 -18.39
C THR E 107 14.28 -25.94 -19.81
N PHE E 108 13.51 -24.93 -20.25
CA PHE E 108 13.06 -24.95 -21.64
C PHE E 108 14.18 -24.60 -22.62
N ILE E 109 15.09 -23.71 -22.24
CA ILE E 109 16.25 -23.50 -23.10
C ILE E 109 17.17 -24.71 -23.09
N LEU E 110 17.28 -25.40 -21.96
CA LEU E 110 18.04 -26.64 -21.94
C LEU E 110 17.42 -27.68 -22.86
N LYS E 111 16.09 -27.82 -22.85
CA LYS E 111 15.44 -28.80 -23.71
C LYS E 111 15.65 -28.48 -25.18
N ALA E 112 15.39 -27.22 -25.57
CA ALA E 112 15.67 -26.79 -26.94
C ALA E 112 17.12 -27.02 -27.34
N GLY E 113 18.06 -26.52 -26.52
CA GLY E 113 19.46 -26.58 -26.89
C GLY E 113 19.98 -28.01 -26.94
N ALA E 114 19.56 -28.85 -26.00
CA ALA E 114 19.96 -30.25 -26.04
C ALA E 114 19.37 -30.99 -27.23
N VAL E 115 18.18 -30.63 -27.67
CA VAL E 115 17.65 -31.22 -28.89
C VAL E 115 18.50 -30.82 -30.10
N PHE E 116 18.84 -29.53 -30.19
CA PHE E 116 19.73 -29.10 -31.26
C PHE E 116 21.08 -29.80 -31.19
N LEU E 117 21.65 -29.91 -29.99
CA LEU E 117 22.93 -30.60 -29.84
C LEU E 117 22.81 -32.07 -30.19
N LYS E 118 21.64 -32.67 -29.98
CA LYS E 118 21.46 -34.06 -30.35
C LYS E 118 21.47 -34.21 -31.85
N ASP E 119 20.80 -33.31 -32.57
CA ASP E 119 20.91 -33.34 -34.03
C ASP E 119 22.32 -33.03 -34.51
N ALA E 120 23.01 -32.10 -33.84
CA ALA E 120 24.39 -31.76 -34.22
C ALA E 120 25.33 -32.93 -34.02
N ALA E 121 25.12 -33.72 -32.96
CA ALA E 121 25.92 -34.93 -32.76
C ALA E 121 25.48 -36.04 -33.70
N LEU E 122 24.23 -36.02 -34.13
CA LEU E 122 23.73 -36.95 -35.15
C LEU E 122 24.27 -36.47 -36.49
N PHE E 123 25.49 -36.90 -36.82
CA PHE E 123 26.08 -36.57 -38.12
C PHE E 123 25.13 -37.00 -39.23
N HIS E 124 24.71 -36.04 -40.05
CA HIS E 124 23.54 -36.23 -40.89
C HIS E 124 23.85 -36.16 -42.37
N SER E 125 25.14 -36.15 -42.74
CA SER E 125 25.52 -36.17 -44.14
C SER E 125 25.15 -37.48 -44.80
N ASP E 126 24.87 -38.52 -44.01
CA ASP E 126 24.64 -39.89 -44.45
C ASP E 126 25.87 -40.52 -45.10
N ASP E 127 27.04 -39.91 -44.91
CA ASP E 127 28.30 -40.55 -45.29
C ASP E 127 28.77 -41.56 -44.25
N THR E 128 28.14 -41.59 -43.09
CA THR E 128 28.28 -42.68 -42.12
C THR E 128 26.91 -43.29 -41.87
N ASP E 129 26.84 -44.61 -41.91
CA ASP E 129 25.60 -45.32 -41.65
C ASP E 129 25.32 -45.32 -40.16
N HIS E 130 24.08 -45.00 -39.78
CA HIS E 130 23.67 -45.02 -38.39
C HIS E 130 23.47 -46.44 -37.84
N CYS E 131 23.54 -47.45 -38.69
CA CYS E 131 23.60 -48.82 -38.19
C CYS E 131 24.97 -49.12 -37.59
N SER E 132 24.96 -49.75 -36.42
CA SER E 132 26.19 -50.13 -35.71
C SER E 132 27.08 -48.92 -35.43
N PHE E 133 26.45 -47.79 -35.14
CA PHE E 133 27.19 -46.54 -34.99
C PHE E 133 27.84 -46.45 -33.62
N SER E 134 28.93 -45.69 -33.54
CA SER E 134 29.60 -45.46 -32.26
C SER E 134 30.39 -44.15 -32.33
N THR E 135 30.02 -43.19 -31.47
CA THR E 135 30.88 -42.04 -31.23
C THR E 135 30.55 -41.45 -29.87
N VAL E 136 31.57 -40.89 -29.22
CA VAL E 136 31.42 -40.36 -27.87
C VAL E 136 30.46 -39.18 -27.85
N LEU E 137 30.55 -38.30 -28.84
CA LEU E 137 29.67 -37.14 -28.91
C LEU E 137 28.20 -37.53 -28.90
N CYS E 138 27.83 -38.55 -29.68
CA CYS E 138 26.44 -38.97 -29.72
C CYS E 138 25.96 -39.48 -28.36
N LYS E 139 26.78 -40.30 -27.71
CA LYS E 139 26.43 -40.84 -26.39
C LYS E 139 26.14 -39.72 -25.41
N VAL E 140 27.07 -38.78 -25.30
CA VAL E 140 26.93 -37.71 -24.32
C VAL E 140 25.77 -36.81 -24.69
N SER E 141 25.55 -36.59 -25.98
CA SER E 141 24.47 -35.69 -26.37
C SER E 141 23.10 -36.32 -26.14
N VAL E 142 22.99 -37.64 -26.27
CA VAL E 142 21.74 -38.30 -25.90
C VAL E 142 21.52 -38.20 -24.39
N ALA E 143 22.57 -38.44 -23.61
CA ALA E 143 22.43 -38.28 -22.17
C ALA E 143 22.01 -36.87 -21.80
N ALA E 144 22.55 -35.88 -22.50
CA ALA E 144 22.16 -34.49 -22.27
C ALA E 144 20.73 -34.22 -22.66
N SER E 145 20.26 -34.81 -23.77
CA SER E 145 18.86 -34.62 -24.17
C SER E 145 17.91 -35.20 -23.13
N HIS E 146 18.27 -36.36 -22.58
CA HIS E 146 17.48 -36.92 -21.47
C HIS E 146 17.54 -36.04 -20.23
N PHE E 147 18.73 -35.58 -19.85
CA PHE E 147 18.84 -34.67 -18.71
C PHE E 147 17.99 -33.42 -18.89
N ALA E 148 18.02 -32.83 -20.08
CA ALA E 148 17.21 -31.64 -20.36
C ALA E 148 15.73 -31.92 -20.25
N THR E 149 15.25 -33.01 -20.87
CA THR E 149 13.83 -33.29 -20.79
C THR E 149 13.40 -33.63 -19.37
N MET E 150 14.25 -34.33 -18.63
CA MET E 150 13.97 -34.65 -17.24
C MET E 150 13.91 -33.40 -16.39
N THR E 151 14.80 -32.44 -16.61
CA THR E 151 14.75 -31.18 -15.87
C THR E 151 13.52 -30.37 -16.22
N ASN E 152 13.12 -30.36 -17.49
CA ASN E 152 11.89 -29.67 -17.87
C ASN E 152 10.68 -30.27 -17.17
N PHE E 153 10.52 -31.60 -17.25
CA PHE E 153 9.38 -32.23 -16.59
C PHE E 153 9.44 -32.03 -15.07
N SER E 154 10.65 -32.07 -14.51
CA SER E 154 10.80 -31.86 -13.09
C SER E 154 10.35 -30.47 -12.68
N TRP E 155 10.68 -29.46 -13.47
CA TRP E 155 10.28 -28.12 -13.06
C TRP E 155 8.84 -27.78 -13.41
N LEU E 156 8.23 -28.48 -14.36
CA LEU E 156 6.78 -28.38 -14.47
C LEU E 156 6.10 -28.91 -13.21
N LEU E 157 6.62 -30.03 -12.67
CA LEU E 157 6.11 -30.51 -11.39
C LEU E 157 6.51 -29.59 -10.25
N ALA E 158 7.64 -28.91 -10.36
CA ALA E 158 8.05 -27.97 -9.33
C ALA E 158 7.10 -26.80 -9.26
N GLU E 159 6.61 -26.32 -10.41
CA GLU E 159 5.58 -25.31 -10.40
C GLU E 159 4.28 -25.83 -9.80
N ALA E 160 3.83 -27.00 -10.25
CA ALA E 160 2.65 -27.62 -9.64
C ALA E 160 2.72 -27.72 -8.12
N VAL E 161 3.90 -28.07 -7.61
CA VAL E 161 4.04 -28.22 -6.16
C VAL E 161 4.17 -26.87 -5.49
N TYR E 162 4.85 -25.92 -6.10
CA TYR E 162 4.97 -24.62 -5.43
C TYR E 162 3.60 -23.97 -5.31
N LEU E 163 2.79 -24.04 -6.37
CA LEU E 163 1.47 -23.44 -6.30
C LEU E 163 0.59 -24.14 -5.27
N ASN E 164 0.61 -25.48 -5.24
CA ASN E 164 -0.22 -26.15 -4.24
C ASN E 164 0.34 -26.01 -2.83
N CYS E 165 1.64 -25.81 -2.68
CA CYS E 165 2.20 -25.50 -1.36
C CYS E 165 1.74 -24.12 -0.89
N LEU E 166 1.83 -23.11 -1.76
CA LEU E 166 1.32 -21.79 -1.41
C LEU E 166 -0.16 -21.84 -1.04
N LEU E 167 -0.97 -22.57 -1.80
CA LEU E 167 -2.41 -22.57 -1.50
C LEU E 167 -2.71 -23.38 -0.24
N ALA E 168 -2.09 -24.54 -0.07
CA ALA E 168 -2.36 -25.39 1.08
C ALA E 168 -1.72 -24.88 2.36
N SER E 169 -0.67 -24.07 2.26
CA SER E 169 -0.05 -23.52 3.46
C SER E 169 -1.01 -22.64 4.23
N THR E 170 -1.16 -22.91 5.53
CA THR E 170 -1.95 -22.09 6.41
C THR E 170 -1.26 -20.78 6.78
N SER E 171 0.04 -20.66 6.49
CA SER E 171 0.82 -19.48 6.80
C SER E 171 1.41 -18.89 5.52
N PRO E 172 1.69 -17.58 5.48
CA PRO E 172 2.07 -16.97 4.21
C PRO E 172 3.47 -17.33 3.73
N SER E 173 4.38 -17.68 4.64
CA SER E 173 5.74 -18.00 4.22
C SER E 173 5.80 -19.36 3.55
N SER E 174 6.72 -19.48 2.58
CA SER E 174 7.06 -20.76 1.99
C SER E 174 8.55 -20.79 1.62
N ARG E 175 9.39 -20.21 2.48
CA ARG E 175 10.80 -20.05 2.16
C ARG E 175 11.51 -21.41 2.05
N ARG E 176 11.23 -22.32 2.98
CA ARG E 176 11.84 -23.65 2.92
C ARG E 176 11.37 -24.41 1.68
N ALA E 177 10.10 -24.27 1.32
CA ALA E 177 9.55 -25.00 0.20
C ALA E 177 10.25 -24.65 -1.11
N PHE E 178 10.62 -23.38 -1.29
CA PHE E 178 11.31 -23.00 -2.51
C PHE E 178 12.65 -23.71 -2.66
N TRP E 179 13.48 -23.71 -1.62
CA TRP E 179 14.77 -24.36 -1.75
C TRP E 179 14.64 -25.89 -1.80
N TRP E 180 13.64 -26.45 -1.13
CA TRP E 180 13.36 -27.87 -1.32
C TRP E 180 12.95 -28.19 -2.74
N LEU E 181 12.16 -27.32 -3.37
CA LEU E 181 11.77 -27.56 -4.75
C LEU E 181 12.91 -27.33 -5.72
N VAL E 182 13.81 -26.40 -5.44
CA VAL E 182 15.02 -26.28 -6.26
C VAL E 182 15.84 -27.55 -6.17
N LEU E 183 16.02 -28.05 -4.94
CA LEU E 183 16.80 -29.27 -4.74
C LEU E 183 16.18 -30.43 -5.49
N ALA E 184 14.88 -30.65 -5.34
CA ALA E 184 14.27 -31.76 -6.04
C ALA E 184 14.29 -31.53 -7.54
N GLY E 185 13.95 -30.32 -7.97
CA GLY E 185 13.79 -30.01 -9.38
C GLY E 185 15.05 -30.25 -10.18
N TRP E 186 16.20 -29.92 -9.61
CA TRP E 186 17.41 -30.25 -10.36
C TRP E 186 18.01 -31.60 -9.95
N GLY E 187 18.08 -31.91 -8.67
CA GLY E 187 18.77 -33.11 -8.22
C GLY E 187 18.12 -34.41 -8.64
N LEU E 188 16.78 -34.46 -8.71
CA LEU E 188 16.16 -35.69 -9.17
C LEU E 188 16.43 -35.94 -10.65
N PRO E 189 16.35 -34.93 -11.52
CA PRO E 189 16.89 -35.14 -12.88
C PRO E 189 18.35 -35.56 -12.88
N VAL E 190 19.18 -34.91 -12.07
CA VAL E 190 20.57 -35.33 -11.93
C VAL E 190 20.65 -36.78 -11.51
N LEU E 191 19.90 -37.16 -10.46
CA LEU E 191 20.05 -38.51 -9.92
C LEU E 191 19.56 -39.56 -10.92
N PHE E 192 18.42 -39.33 -11.55
CA PHE E 192 17.87 -40.32 -12.48
C PHE E 192 18.71 -40.43 -13.75
N THR E 193 19.07 -39.29 -14.36
CA THR E 193 19.86 -39.38 -15.58
C THR E 193 21.29 -39.82 -15.31
N GLY E 194 21.85 -39.49 -14.14
CA GLY E 194 23.11 -40.10 -13.73
C GLY E 194 23.01 -41.60 -13.53
N THR E 195 21.89 -42.07 -12.98
CA THR E 195 21.69 -43.51 -12.87
C THR E 195 21.62 -44.16 -14.25
N TRP E 196 20.95 -43.50 -15.20
CA TRP E 196 20.87 -44.03 -16.55
C TRP E 196 22.23 -44.02 -17.24
N VAL E 197 23.00 -42.94 -17.05
CA VAL E 197 24.37 -42.88 -17.56
C VAL E 197 25.21 -44.00 -16.96
N SER E 198 25.10 -44.21 -15.64
CA SER E 198 25.86 -45.28 -15.01
C SER E 198 25.48 -46.64 -15.58
N CYS E 199 24.19 -46.96 -15.55
CA CYS E 199 23.73 -48.27 -15.96
C CYS E 199 23.88 -48.55 -17.46
N LYS E 200 23.99 -47.51 -18.29
CA LYS E 200 24.44 -47.74 -19.66
C LYS E 200 25.97 -47.82 -19.74
N LEU E 201 26.65 -46.68 -19.55
CA LEU E 201 28.06 -46.59 -19.90
C LEU E 201 28.91 -47.56 -19.11
N ALA E 202 28.55 -47.83 -17.86
CA ALA E 202 29.34 -48.74 -17.03
C ALA E 202 28.91 -50.19 -17.17
N PHE E 203 27.77 -50.46 -17.80
CA PHE E 203 27.23 -51.82 -17.81
C PHE E 203 26.65 -52.24 -19.16
N GLU E 204 26.09 -51.34 -19.96
CA GLU E 204 25.44 -51.71 -21.21
C GLU E 204 25.74 -50.63 -22.27
N ASP E 205 27.03 -50.34 -22.45
CA ASP E 205 27.48 -49.27 -23.35
C ASP E 205 27.40 -49.69 -24.82
N ILE E 206 26.19 -50.06 -25.23
CA ILE E 206 25.98 -50.69 -26.53
C ILE E 206 25.35 -49.68 -27.48
N ALA E 207 26.03 -49.44 -28.60
CA ALA E 207 25.47 -48.77 -29.78
C ALA E 207 24.84 -47.41 -29.47
N CYS E 208 25.51 -46.63 -28.63
CA CYS E 208 25.13 -45.24 -28.31
C CYS E 208 23.70 -45.09 -27.82
N TRP E 209 23.07 -46.16 -27.33
CA TRP E 209 21.84 -46.09 -26.55
C TRP E 209 20.67 -45.50 -27.34
N ASP E 210 20.71 -45.56 -28.67
CA ASP E 210 19.89 -44.68 -29.49
C ASP E 210 18.53 -45.27 -29.83
N LEU E 211 18.50 -46.55 -30.23
CA LEU E 211 17.28 -47.21 -30.67
C LEU E 211 16.73 -48.12 -29.58
N ASP E 212 17.11 -47.89 -28.34
CA ASP E 212 16.70 -48.77 -27.24
C ASP E 212 15.21 -48.65 -26.97
N ASP E 213 14.62 -49.79 -26.60
CA ASP E 213 13.24 -49.84 -26.16
C ASP E 213 13.08 -50.91 -25.08
N THR E 214 14.19 -51.40 -24.53
CA THR E 214 14.22 -52.58 -23.68
C THR E 214 14.02 -52.23 -22.22
N SER E 215 13.55 -53.22 -21.47
CA SER E 215 13.27 -53.06 -20.04
C SER E 215 14.42 -52.55 -19.19
N PRO E 216 15.69 -52.97 -19.37
CA PRO E 216 16.68 -52.80 -18.29
C PRO E 216 16.75 -51.42 -17.66
N TYR E 217 16.95 -50.36 -18.45
CA TYR E 217 17.12 -49.06 -17.83
C TYR E 217 16.39 -47.92 -18.51
N TRP E 218 15.62 -48.18 -19.57
CA TRP E 218 14.82 -47.10 -20.15
C TRP E 218 13.75 -46.61 -19.20
N TRP E 219 13.20 -47.53 -18.38
CA TRP E 219 12.27 -47.11 -17.34
C TRP E 219 12.91 -46.28 -16.25
N ILE E 220 14.25 -46.20 -16.18
CA ILE E 220 14.88 -45.29 -15.23
C ILE E 220 14.52 -43.85 -15.56
N ILE E 221 14.45 -43.51 -16.85
CA ILE E 221 14.01 -42.17 -17.23
C ILE E 221 12.51 -42.11 -17.43
N LYS E 222 11.93 -43.14 -18.06
CA LYS E 222 10.49 -43.09 -18.33
C LYS E 222 9.67 -42.99 -17.05
N GLY E 223 10.15 -43.56 -15.95
CA GLY E 223 9.34 -43.67 -14.76
C GLY E 223 9.05 -42.32 -14.14
N PRO E 224 10.11 -41.55 -13.87
CA PRO E 224 9.90 -40.20 -13.37
C PRO E 224 9.05 -39.33 -14.28
N ILE E 225 9.19 -39.43 -15.60
CA ILE E 225 8.35 -38.63 -16.49
C ILE E 225 6.88 -38.97 -16.27
N VAL E 226 6.56 -40.27 -16.22
CA VAL E 226 5.17 -40.70 -16.10
C VAL E 226 4.60 -40.30 -14.74
N LEU E 227 5.38 -40.54 -13.69
CA LEU E 227 4.98 -40.08 -12.36
C LEU E 227 4.71 -38.59 -12.35
N SER E 228 5.64 -37.81 -12.91
CA SER E 228 5.56 -36.36 -12.81
C SER E 228 4.34 -35.83 -13.54
N VAL E 229 4.03 -36.42 -14.70
CA VAL E 229 2.84 -35.97 -15.43
C VAL E 229 1.57 -36.38 -14.69
N GLY E 230 1.58 -37.55 -14.05
CA GLY E 230 0.41 -37.95 -13.28
C GLY E 230 0.14 -37.04 -12.09
N VAL E 231 1.19 -36.79 -11.29
CA VAL E 231 1.02 -35.92 -10.13
C VAL E 231 0.73 -34.48 -10.55
N ASN E 232 1.27 -34.03 -11.69
CA ASN E 232 0.86 -32.73 -12.22
C ASN E 232 -0.61 -32.71 -12.55
N PHE E 233 -1.14 -33.80 -13.13
CA PHE E 233 -2.55 -33.79 -13.47
C PHE E 233 -3.41 -33.74 -12.21
N GLY E 234 -3.03 -34.51 -11.20
CA GLY E 234 -3.74 -34.46 -9.93
C GLY E 234 -3.71 -33.09 -9.29
N LEU E 235 -2.52 -32.50 -9.19
CA LEU E 235 -2.40 -31.19 -8.57
C LEU E 235 -3.05 -30.09 -9.41
N PHE E 236 -3.22 -30.32 -10.70
CA PHE E 236 -3.88 -29.35 -11.55
C PHE E 236 -5.39 -29.41 -11.36
N LEU E 237 -5.95 -30.62 -11.30
CA LEU E 237 -7.36 -30.73 -10.91
C LEU E 237 -7.59 -30.25 -9.48
N ASN E 238 -6.56 -30.31 -8.62
CA ASN E 238 -6.65 -29.71 -7.30
C ASN E 238 -6.79 -28.19 -7.39
N ILE E 239 -5.95 -27.56 -8.20
CA ILE E 239 -6.03 -26.11 -8.32
C ILE E 239 -7.33 -25.70 -9.00
N ILE E 240 -7.83 -26.50 -9.93
CA ILE E 240 -9.16 -26.23 -10.48
C ILE E 240 -10.23 -26.33 -9.41
N ARG E 241 -10.11 -27.32 -8.52
CA ARG E 241 -11.07 -27.42 -7.42
C ARG E 241 -11.06 -26.18 -6.54
N ILE E 242 -9.87 -25.69 -6.22
CA ILE E 242 -9.77 -24.49 -5.38
C ILE E 242 -10.34 -23.29 -6.11
N LEU E 243 -9.96 -23.09 -7.38
CA LEU E 243 -10.51 -21.98 -8.16
C LEU E 243 -12.02 -22.07 -8.29
N VAL E 244 -12.57 -23.28 -8.44
CA VAL E 244 -14.01 -23.45 -8.55
C VAL E 244 -14.69 -23.04 -7.25
N ARG E 245 -14.09 -23.37 -6.10
CA ARG E 245 -14.67 -22.89 -4.86
C ARG E 245 -14.51 -21.38 -4.72
N LYS E 246 -13.41 -20.82 -5.21
CA LYS E 246 -13.24 -19.37 -5.12
C LYS E 246 -14.28 -18.63 -5.96
N LEU E 247 -14.54 -19.11 -7.17
CA LEU E 247 -15.57 -18.54 -8.03
C LEU E 247 -16.94 -19.16 -7.76
N GLU E 248 -17.29 -19.24 -6.48
CA GLU E 248 -18.54 -19.87 -6.03
C GLU E 248 -18.71 -21.27 -6.61
N SER E 258 -21.98 -17.19 -14.48
CA SER E 258 -21.85 -16.09 -15.44
C SER E 258 -20.40 -15.69 -15.60
N GLN E 259 -19.53 -16.25 -14.75
CA GLN E 259 -18.12 -15.88 -14.72
C GLN E 259 -17.22 -17.09 -15.05
N TYR E 260 -17.81 -18.13 -15.63
CA TYR E 260 -17.05 -19.31 -16.04
C TYR E 260 -15.85 -18.97 -16.92
N TRP E 261 -15.87 -17.81 -17.58
CA TRP E 261 -14.75 -17.44 -18.43
C TRP E 261 -13.44 -17.34 -17.66
N ARG E 262 -13.48 -16.78 -16.46
CA ARG E 262 -12.26 -16.69 -15.65
C ARG E 262 -11.72 -18.07 -15.31
N LEU E 263 -12.59 -19.01 -14.92
CA LEU E 263 -12.16 -20.38 -14.69
C LEU E 263 -11.56 -21.00 -15.95
N SER E 264 -12.22 -20.80 -17.09
CA SER E 264 -11.74 -21.39 -18.34
C SER E 264 -10.37 -20.83 -18.70
N LYS E 265 -10.23 -19.51 -18.59
CA LYS E 265 -8.94 -18.87 -18.85
C LYS E 265 -7.87 -19.39 -17.91
N SER E 266 -8.18 -19.54 -16.62
CA SER E 266 -7.18 -20.02 -15.67
C SER E 266 -6.76 -21.45 -15.98
N THR E 267 -7.72 -22.30 -16.36
CA THR E 267 -7.38 -23.65 -16.79
C THR E 267 -6.47 -23.63 -18.01
N LEU E 268 -6.85 -22.85 -19.03
CA LEU E 268 -6.05 -22.80 -20.25
C LEU E 268 -4.67 -22.20 -20.01
N PHE E 269 -4.54 -21.28 -19.06
CA PHE E 269 -3.25 -20.72 -18.72
C PHE E 269 -2.40 -21.69 -17.92
N LEU E 270 -3.03 -22.51 -17.08
CA LEU E 270 -2.28 -23.51 -16.32
C LEU E 270 -1.80 -24.64 -17.21
N ILE E 271 -2.57 -25.00 -18.24
CA ILE E 271 -2.25 -26.17 -19.05
C ILE E 271 -0.83 -26.15 -19.61
N PRO E 272 -0.36 -25.07 -20.25
CA PRO E 272 1.04 -25.04 -20.68
C PRO E 272 2.05 -25.06 -19.54
N LEU E 273 1.71 -24.50 -18.38
CA LEU E 273 2.68 -24.38 -17.31
C LEU E 273 2.86 -25.68 -16.54
N PHE E 274 1.79 -26.43 -16.36
CA PHE E 274 1.82 -27.65 -15.57
C PHE E 274 2.05 -28.90 -16.41
N GLY E 275 2.43 -28.74 -17.68
CA GLY E 275 2.71 -29.89 -18.52
C GLY E 275 1.50 -30.76 -18.77
N ILE E 276 0.30 -30.19 -18.68
CA ILE E 276 -0.91 -31.01 -18.60
C ILE E 276 -1.19 -31.71 -19.92
N HIS E 277 -0.79 -31.13 -21.05
CA HIS E 277 -1.09 -31.76 -22.33
C HIS E 277 -0.39 -33.10 -22.51
N TYR E 278 0.67 -33.36 -21.74
CA TYR E 278 1.30 -34.68 -21.77
C TYR E 278 0.39 -35.79 -21.22
N ILE E 279 -0.58 -35.45 -20.37
CA ILE E 279 -1.34 -36.49 -19.67
C ILE E 279 -2.08 -37.41 -20.64
N ILE E 280 -2.54 -36.87 -21.77
CA ILE E 280 -3.36 -37.66 -22.68
C ILE E 280 -2.57 -38.71 -23.44
N PHE E 281 -1.24 -38.62 -23.43
CA PHE E 281 -0.39 -39.66 -23.99
C PHE E 281 0.57 -40.25 -22.97
N ASN E 282 0.53 -39.79 -21.72
CA ASN E 282 1.54 -40.18 -20.74
C ASN E 282 1.52 -41.67 -20.48
N PHE E 283 0.33 -42.27 -20.42
CA PHE E 283 0.18 -43.63 -19.95
C PHE E 283 -0.03 -44.63 -21.08
N LEU E 284 -0.07 -44.17 -22.32
CA LEU E 284 -0.14 -45.10 -23.43
C LEU E 284 1.18 -45.85 -23.57
N PRO E 285 1.14 -47.07 -24.12
CA PRO E 285 2.39 -47.74 -24.49
C PRO E 285 3.06 -47.05 -25.66
N ASP E 286 4.39 -47.08 -25.66
CA ASP E 286 5.15 -46.63 -26.81
C ASP E 286 4.79 -47.46 -28.03
N ASN E 287 4.99 -46.86 -29.21
CA ASN E 287 4.62 -47.42 -30.51
C ASN E 287 3.11 -47.57 -30.68
N ALA E 288 2.32 -46.95 -29.81
CA ALA E 288 0.89 -46.77 -30.04
C ALA E 288 0.55 -45.29 -29.98
N GLY E 289 -0.28 -44.84 -30.91
CA GLY E 289 -0.71 -43.45 -30.92
C GLY E 289 0.31 -42.47 -31.45
N LEU E 290 1.43 -42.97 -31.99
CA LEU E 290 2.51 -42.08 -32.43
C LEU E 290 2.04 -41.04 -33.43
N GLY E 291 1.18 -41.45 -34.38
CA GLY E 291 0.75 -40.53 -35.41
C GLY E 291 -0.04 -39.33 -34.92
N ILE E 292 -0.45 -39.32 -33.66
CA ILE E 292 -1.11 -38.15 -33.09
C ILE E 292 -0.36 -37.66 -31.86
N ARG E 293 0.35 -38.57 -31.19
CA ARG E 293 1.23 -38.15 -30.11
C ARG E 293 2.33 -37.22 -30.61
N LEU E 294 3.08 -37.66 -31.61
CA LEU E 294 4.30 -36.97 -32.03
C LEU E 294 4.01 -35.60 -32.64
N PRO E 295 3.02 -35.46 -33.53
CA PRO E 295 2.68 -34.10 -33.97
C PRO E 295 2.28 -33.19 -32.84
N LEU E 296 1.58 -33.69 -31.83
CA LEU E 296 1.19 -32.84 -30.71
C LEU E 296 2.42 -32.46 -29.90
N GLU E 297 3.10 -33.45 -29.33
CA GLU E 297 4.14 -33.16 -28.37
C GLU E 297 5.29 -32.40 -29.04
N LEU E 298 5.72 -32.84 -30.21
CA LEU E 298 6.81 -32.12 -30.88
C LEU E 298 6.36 -30.75 -31.36
N GLY E 299 5.22 -30.66 -32.05
CA GLY E 299 4.89 -29.41 -32.70
C GLY E 299 4.52 -28.33 -31.71
N LEU E 300 3.58 -28.62 -30.81
CA LEU E 300 3.23 -27.62 -29.81
C LEU E 300 4.34 -27.45 -28.78
N GLY E 301 4.99 -28.52 -28.32
CA GLY E 301 6.08 -28.35 -27.37
C GLY E 301 7.20 -27.49 -27.91
N SER E 302 7.44 -27.53 -29.22
CA SER E 302 8.46 -26.66 -29.76
C SER E 302 8.13 -25.20 -29.50
N PHE E 303 6.84 -24.87 -29.54
CA PHE E 303 6.40 -23.52 -29.23
C PHE E 303 6.12 -23.33 -27.75
N GLN E 304 6.13 -24.41 -26.96
CA GLN E 304 5.58 -24.33 -25.61
C GLN E 304 6.38 -23.39 -24.73
N GLY E 305 7.69 -23.32 -24.93
CA GLY E 305 8.48 -22.33 -24.21
C GLY E 305 8.07 -20.91 -24.55
N PHE E 306 7.71 -20.68 -25.81
CA PHE E 306 7.24 -19.37 -26.23
C PHE E 306 5.86 -19.05 -25.67
N ILE E 307 4.97 -20.05 -25.63
CA ILE E 307 3.65 -19.87 -25.03
C ILE E 307 3.77 -19.53 -23.56
N VAL E 308 4.61 -20.27 -22.83
CA VAL E 308 4.80 -20.00 -21.41
C VAL E 308 5.47 -18.65 -21.22
N ALA E 309 6.41 -18.31 -22.09
CA ALA E 309 7.07 -17.02 -21.97
C ALA E 309 6.08 -15.90 -22.14
N ILE E 310 5.17 -16.02 -23.12
CA ILE E 310 4.13 -15.02 -23.28
C ILE E 310 3.31 -14.93 -22.00
N LEU E 311 2.68 -16.05 -21.62
CA LEU E 311 1.64 -16.03 -20.59
C LEU E 311 2.19 -15.66 -19.23
N TYR E 312 3.47 -15.91 -18.97
CA TYR E 312 3.98 -15.77 -17.62
C TYR E 312 5.14 -14.79 -17.49
N CYS E 313 5.60 -14.18 -18.58
CA CYS E 313 6.38 -12.95 -18.51
C CYS E 313 5.68 -11.79 -19.18
N PHE E 314 5.36 -11.91 -20.47
CA PHE E 314 4.94 -10.74 -21.24
C PHE E 314 3.56 -10.24 -20.83
N LEU E 315 2.66 -11.14 -20.47
CA LEU E 315 1.32 -10.75 -20.09
C LEU E 315 1.13 -10.63 -18.59
N ASN E 316 2.18 -10.90 -17.80
CA ASN E 316 2.08 -10.70 -16.37
C ASN E 316 2.07 -9.21 -16.07
N GLN E 317 1.01 -8.73 -15.42
CA GLN E 317 0.80 -7.29 -15.32
C GLN E 317 1.85 -6.61 -14.45
N GLU E 318 2.43 -7.34 -13.49
CA GLU E 318 3.56 -6.79 -12.76
C GLU E 318 4.74 -6.55 -13.70
N VAL E 319 4.99 -7.49 -14.61
CA VAL E 319 6.07 -7.32 -15.58
C VAL E 319 5.78 -6.19 -16.54
N ARG E 320 4.54 -6.11 -17.04
CA ARG E 320 4.11 -4.97 -17.85
C ARG E 320 4.38 -3.64 -17.15
N THR E 321 3.98 -3.55 -15.88
CA THR E 321 4.17 -2.31 -15.13
C THR E 321 5.65 -1.98 -14.97
N GLU E 322 6.46 -2.99 -14.62
CA GLU E 322 7.89 -2.74 -14.42
C GLU E 322 8.57 -2.31 -15.72
N ILE E 323 8.24 -2.97 -16.83
CA ILE E 323 8.76 -2.56 -18.14
C ILE E 323 8.32 -1.14 -18.48
N SER E 324 7.05 -0.81 -18.25
CA SER E 324 6.57 0.53 -18.53
C SER E 324 7.29 1.59 -17.69
N ARG E 325 7.60 1.26 -16.44
CA ARG E 325 8.33 2.22 -15.61
C ARG E 325 9.78 2.33 -16.03
N LYS E 326 10.39 1.22 -16.44
CA LYS E 326 11.72 1.28 -17.04
C LYS E 326 11.69 2.06 -18.35
N TRP E 327 10.65 1.85 -19.16
CA TRP E 327 10.48 2.60 -20.40
C TRP E 327 10.41 4.10 -20.13
N HIS E 328 9.66 4.51 -19.11
CA HIS E 328 9.73 5.88 -18.61
C HIS E 328 10.98 6.08 -17.78
N THR F 6 -24.41 26.96 27.11
CA THR F 6 -23.58 25.77 26.93
C THR F 6 -22.11 26.16 27.03
N ALA F 7 -21.26 25.21 27.42
CA ALA F 7 -19.84 25.48 27.59
C ALA F 7 -19.15 25.86 26.28
N SER F 8 -19.83 25.76 25.14
CA SER F 8 -19.29 26.25 23.88
C SER F 8 -18.98 27.74 23.92
N ILE F 9 -19.61 28.48 24.84
CA ILE F 9 -19.24 29.89 25.02
C ILE F 9 -17.77 30.02 25.41
N ALA F 10 -17.23 29.06 26.15
CA ALA F 10 -15.81 29.11 26.50
C ALA F 10 -14.93 28.90 25.27
N GLN F 11 -15.37 28.03 24.36
CA GLN F 11 -14.59 27.79 23.15
C GLN F 11 -14.62 29.02 22.24
N ALA F 12 -15.80 29.60 22.06
CA ALA F 12 -15.90 30.83 21.30
C ALA F 12 -15.12 31.97 21.95
N ARG F 13 -15.08 32.02 23.28
CA ARG F 13 -14.31 33.05 23.96
C ARG F 13 -12.82 32.89 23.74
N LYS F 14 -12.33 31.65 23.77
CA LYS F 14 -10.93 31.43 23.44
C LYS F 14 -10.64 31.79 21.99
N LEU F 15 -11.57 31.47 21.08
CA LEU F 15 -11.38 31.81 19.68
C LEU F 15 -11.30 33.32 19.49
N VAL F 16 -12.23 34.06 20.09
CA VAL F 16 -12.24 35.51 19.94
C VAL F 16 -11.03 36.15 20.60
N GLU F 17 -10.57 35.61 21.73
CA GLU F 17 -9.34 36.13 22.32
C GLU F 17 -8.13 35.87 21.44
N GLN F 18 -8.05 34.68 20.83
CA GLN F 18 -6.98 34.39 19.89
C GLN F 18 -7.00 35.35 18.71
N LEU F 19 -8.18 35.57 18.12
CA LEU F 19 -8.27 36.47 16.99
C LEU F 19 -7.97 37.91 17.37
N LYS F 20 -8.34 38.34 18.58
CA LYS F 20 -8.00 39.68 19.04
C LYS F 20 -6.49 39.83 19.23
N MET F 21 -5.83 38.80 19.77
CA MET F 21 -4.37 38.82 19.86
C MET F 21 -3.73 38.87 18.47
N GLU F 22 -4.16 37.99 17.58
CA GLU F 22 -3.51 37.83 16.28
C GLU F 22 -3.77 39.02 15.35
N ALA F 23 -4.89 39.72 15.53
CA ALA F 23 -5.15 40.91 14.75
C ALA F 23 -4.12 42.00 15.00
N ASN F 24 -3.65 42.12 16.24
CA ASN F 24 -2.78 43.22 16.63
C ASN F 24 -1.29 42.93 16.45
N ILE F 25 -0.93 41.87 15.73
CA ILE F 25 0.42 41.77 15.19
C ILE F 25 0.58 42.73 14.02
N ASP F 26 1.73 43.38 13.93
CA ASP F 26 2.05 44.20 12.78
C ASP F 26 2.46 43.34 11.60
N ARG F 27 2.26 43.88 10.40
CA ARG F 27 2.53 43.15 9.16
C ARG F 27 3.35 44.01 8.22
N ILE F 28 4.37 43.40 7.61
CA ILE F 28 5.09 44.03 6.52
C ILE F 28 4.40 43.71 5.21
N LYS F 29 4.69 44.51 4.19
CA LYS F 29 4.15 44.29 2.86
C LYS F 29 4.85 43.14 2.15
N VAL F 30 4.11 42.47 1.26
CA VAL F 30 4.61 41.30 0.56
C VAL F 30 5.85 41.62 -0.28
N SER F 31 5.97 42.86 -0.74
CA SER F 31 7.14 43.24 -1.52
C SER F 31 8.43 43.06 -0.72
N LYS F 32 8.41 43.44 0.56
CA LYS F 32 9.60 43.25 1.39
C LYS F 32 9.84 41.78 1.67
N ALA F 33 8.77 40.99 1.82
CA ALA F 33 8.95 39.55 2.01
C ALA F 33 9.62 38.91 0.80
N ALA F 34 9.17 39.28 -0.40
CA ALA F 34 9.78 38.77 -1.62
C ALA F 34 11.22 39.21 -1.75
N ALA F 35 11.50 40.48 -1.42
CA ALA F 35 12.88 40.96 -1.45
C ALA F 35 13.75 40.19 -0.47
N ASP F 36 13.22 39.86 0.71
CA ASP F 36 13.96 39.08 1.68
C ASP F 36 14.28 37.69 1.16
N LEU F 37 13.27 36.98 0.64
CA LEU F 37 13.51 35.63 0.14
C LEU F 37 14.49 35.65 -1.03
N MET F 38 14.33 36.59 -1.97
CA MET F 38 15.24 36.65 -3.11
C MET F 38 16.66 36.99 -2.68
N ALA F 39 16.83 37.97 -1.77
CA ALA F 39 18.15 38.32 -1.28
C ALA F 39 18.77 37.22 -0.42
N TYR F 40 17.96 36.30 0.10
CA TYR F 40 18.55 35.12 0.75
C TYR F 40 18.99 34.08 -0.28
N CYS F 41 18.10 33.72 -1.21
CA CYS F 41 18.44 32.71 -2.19
C CYS F 41 19.65 33.11 -3.03
N GLU F 42 19.70 34.37 -3.50
CA GLU F 42 20.82 34.83 -4.32
C GLU F 42 22.15 34.74 -3.58
N ALA F 43 22.17 35.11 -2.29
CA ALA F 43 23.42 35.09 -1.54
C ALA F 43 23.94 33.67 -1.32
N HIS F 44 23.05 32.72 -1.05
CA HIS F 44 23.43 31.37 -0.70
C HIS F 44 23.32 30.39 -1.87
N ALA F 45 22.96 30.85 -3.06
CA ALA F 45 22.82 29.97 -4.21
C ALA F 45 24.12 29.25 -4.56
N LYS F 46 25.27 29.84 -4.20
CA LYS F 46 26.55 29.17 -4.40
C LYS F 46 26.72 27.96 -3.49
N GLU F 47 25.92 27.86 -2.43
CA GLU F 47 26.12 26.90 -1.35
C GLU F 47 24.99 25.89 -1.30
N ASP F 48 24.57 25.39 -2.46
CA ASP F 48 23.42 24.50 -2.57
C ASP F 48 23.79 23.37 -3.50
N PRO F 49 24.28 22.25 -2.96
CA PRO F 49 24.66 21.12 -3.81
C PRO F 49 23.53 20.47 -4.58
N LEU F 50 22.29 20.90 -4.36
CA LEU F 50 21.21 20.42 -5.23
C LEU F 50 21.01 21.33 -6.44
N LEU F 51 21.19 22.63 -6.27
CA LEU F 51 20.99 23.58 -7.37
C LEU F 51 22.16 23.57 -8.35
N THR F 52 23.40 23.49 -7.84
CA THR F 52 24.61 23.56 -8.66
C THR F 52 25.56 22.44 -8.27
N PRO F 53 25.25 21.21 -8.66
CA PRO F 53 25.87 20.05 -8.02
C PRO F 53 27.38 20.04 -8.17
N VAL F 54 28.04 19.36 -7.23
CA VAL F 54 29.50 19.25 -7.20
C VAL F 54 29.86 17.82 -7.56
N PRO F 55 30.61 17.58 -8.63
CA PRO F 55 31.00 16.21 -8.96
C PRO F 55 32.24 15.76 -8.20
N ALA F 56 32.20 14.51 -7.75
CA ALA F 56 33.35 13.77 -7.21
C ALA F 56 34.18 14.62 -6.25
N SER F 57 33.49 15.27 -5.31
CA SER F 57 34.17 16.10 -4.32
C SER F 57 33.79 15.70 -2.91
N GLU F 58 32.49 15.73 -2.60
CA GLU F 58 32.04 15.55 -1.22
C GLU F 58 30.84 14.62 -1.11
N ASN F 59 30.46 13.93 -2.18
CA ASN F 59 29.18 13.25 -2.23
C ASN F 59 29.17 12.05 -1.30
N PRO F 60 27.98 11.58 -0.91
CA PRO F 60 27.90 10.28 -0.22
C PRO F 60 28.36 9.13 -1.09
N PHE F 61 28.57 9.37 -2.39
CA PHE F 61 29.08 8.33 -3.28
C PHE F 61 30.56 8.08 -3.06
N ARG F 62 31.31 9.08 -2.60
CA ARG F 62 32.76 8.99 -2.56
C ARG F 62 33.23 8.00 -1.50
#